data_377D
# 
_entry.id   377D 
# 
_audit_conform.dict_name       mmcif_pdbx.dic 
_audit_conform.dict_version    5.387 
_audit_conform.dict_location   http://mmcif.pdb.org/dictionaries/ascii/mmcif_pdbx.dic 
# 
loop_
_database_2.database_id 
_database_2.database_code 
_database_2.pdbx_database_accession 
_database_2.pdbx_DOI 
PDB   377D         pdb_0000377d 10.2210/pdb377d/pdb 
RCSB  ARF0108      ?            ?                   
WWPDB D_1000178845 ?            ?                   
# 
loop_
_pdbx_audit_revision_history.ordinal 
_pdbx_audit_revision_history.data_content_type 
_pdbx_audit_revision_history.major_revision 
_pdbx_audit_revision_history.minor_revision 
_pdbx_audit_revision_history.revision_date 
1 'Structure model' 1 0 1998-08-10 
2 'Structure model' 1 1 2008-05-22 
3 'Structure model' 1 2 2011-07-13 
4 'Structure model' 1 3 2018-04-04 
5 'Structure model' 1 4 2018-04-11 
6 'Structure model' 1 5 2024-02-21 
# 
_pdbx_audit_revision_details.ordinal             1 
_pdbx_audit_revision_details.revision_ordinal    1 
_pdbx_audit_revision_details.data_content_type   'Structure model' 
_pdbx_audit_revision_details.provider            repository 
_pdbx_audit_revision_details.type                'Initial release' 
_pdbx_audit_revision_details.description         ? 
_pdbx_audit_revision_details.details             ? 
# 
loop_
_pdbx_audit_revision_group.ordinal 
_pdbx_audit_revision_group.revision_ordinal 
_pdbx_audit_revision_group.data_content_type 
_pdbx_audit_revision_group.group 
1 2 'Structure model' 'Version format compliance' 
2 3 'Structure model' 'Version format compliance' 
3 4 'Structure model' 'Data collection'           
4 5 'Structure model' 'Data collection'           
5 6 'Structure model' 'Data collection'           
6 6 'Structure model' 'Database references'       
# 
loop_
_pdbx_audit_revision_category.ordinal 
_pdbx_audit_revision_category.revision_ordinal 
_pdbx_audit_revision_category.data_content_type 
_pdbx_audit_revision_category.category 
1 4 'Structure model' diffrn_source  
2 5 'Structure model' diffrn_source  
3 6 'Structure model' chem_comp_atom 
4 6 'Structure model' chem_comp_bond 
5 6 'Structure model' database_2     
# 
loop_
_pdbx_audit_revision_item.ordinal 
_pdbx_audit_revision_item.revision_ordinal 
_pdbx_audit_revision_item.data_content_type 
_pdbx_audit_revision_item.item 
1 4 'Structure model' '_diffrn_source.type'                 
2 5 'Structure model' '_diffrn_source.source'               
3 6 'Structure model' '_database_2.pdbx_DOI'                
4 6 'Structure model' '_database_2.pdbx_database_accession' 
# 
_pdbx_database_status.status_code                     REL 
_pdbx_database_status.entry_id                        377D 
_pdbx_database_status.recvd_initial_deposition_date   1998-01-26 
_pdbx_database_status.deposit_site                    NDB 
_pdbx_database_status.process_site                    NDB 
_pdbx_database_status.SG_entry                        . 
_pdbx_database_status.status_code_sf                  ? 
_pdbx_database_status.status_code_mr                  ? 
_pdbx_database_status.pdb_format_compatible           Y 
_pdbx_database_status.status_code_cs                  ? 
_pdbx_database_status.methods_development_category    ? 
_pdbx_database_status.status_code_nmr_data            ? 
# 
loop_
_audit_author.name 
_audit_author.pdbx_ordinal 
'Biswas, R.'        1 
'Mitra, S.N.'       2 
'Sundaralingam, M.' 3 
# 
_citation.id                        primary 
_citation.title                     '1.76 A structure of a pyrimidine start alternating A-RNA hexamer r(CGUAC)dG.' 
_citation.journal_abbrev            'Acta Crystallogr.,Sect.D' 
_citation.journal_volume            54 
_citation.page_first                570 
_citation.page_last                 576 
_citation.year                      1998 
_citation.journal_id_ASTM           ABCRE6 
_citation.country                   DK 
_citation.journal_id_ISSN           0907-4449 
_citation.journal_id_CSD            0766 
_citation.book_publisher            ? 
_citation.pdbx_database_id_PubMed   9761851 
_citation.pdbx_database_id_DOI      10.1107/S0907444997013097 
# 
loop_
_citation_author.citation_id 
_citation_author.name 
_citation_author.ordinal 
_citation_author.identifier_ORCID 
primary 'Biswas, R.'        1 ? 
primary 'Mitra, S.N.'       2 ? 
primary 'Sundaralingam, M.' 3 ? 
# 
loop_
_entity.id 
_entity.type 
_entity.src_method 
_entity.pdbx_description 
_entity.formula_weight 
_entity.pdbx_number_of_molecules 
_entity.pdbx_ec 
_entity.pdbx_mutation 
_entity.pdbx_fragment 
_entity.details 
1 polymer syn 
;RNA-DNA (5'-R(*CP*GP*UP*AP*CP*DG)-3')
;
1875.189 4  ? ? ? ? 
2 water   nat water                                   18.015   85 ? ? ? ? 
# 
_entity_poly.entity_id                      1 
_entity_poly.type                           polyribonucleotide 
_entity_poly.nstd_linkage                   no 
_entity_poly.nstd_monomer                   no 
_entity_poly.pdbx_seq_one_letter_code       'CGUAC(DG)' 
_entity_poly.pdbx_seq_one_letter_code_can   CGUACG 
_entity_poly.pdbx_strand_id                 A,B,C,D 
_entity_poly.pdbx_target_identifier         ? 
# 
_pdbx_entity_nonpoly.entity_id   2 
_pdbx_entity_nonpoly.name        water 
_pdbx_entity_nonpoly.comp_id     HOH 
# 
loop_
_entity_poly_seq.entity_id 
_entity_poly_seq.num 
_entity_poly_seq.mon_id 
_entity_poly_seq.hetero 
1 1 C  n 
1 2 G  n 
1 3 U  n 
1 4 A  n 
1 5 C  n 
1 6 DG n 
# 
loop_
_chem_comp.id 
_chem_comp.type 
_chem_comp.mon_nstd_flag 
_chem_comp.name 
_chem_comp.pdbx_synonyms 
_chem_comp.formula 
_chem_comp.formula_weight 
A   'RNA linking' y "ADENOSINE-5'-MONOPHOSPHATE"         ? 'C10 H14 N5 O7 P' 347.221 
C   'RNA linking' y "CYTIDINE-5'-MONOPHOSPHATE"          ? 'C9 H14 N3 O8 P'  323.197 
DG  'DNA linking' y "2'-DEOXYGUANOSINE-5'-MONOPHOSPHATE" ? 'C10 H14 N5 O7 P' 347.221 
G   'RNA linking' y "GUANOSINE-5'-MONOPHOSPHATE"         ? 'C10 H14 N5 O8 P' 363.221 
HOH non-polymer   . WATER                                ? 'H2 O'            18.015  
U   'RNA linking' y "URIDINE-5'-MONOPHOSPHATE"           ? 'C9 H13 N2 O9 P'  324.181 
# 
loop_
_pdbx_poly_seq_scheme.asym_id 
_pdbx_poly_seq_scheme.entity_id 
_pdbx_poly_seq_scheme.seq_id 
_pdbx_poly_seq_scheme.mon_id 
_pdbx_poly_seq_scheme.ndb_seq_num 
_pdbx_poly_seq_scheme.pdb_seq_num 
_pdbx_poly_seq_scheme.auth_seq_num 
_pdbx_poly_seq_scheme.pdb_mon_id 
_pdbx_poly_seq_scheme.auth_mon_id 
_pdbx_poly_seq_scheme.pdb_strand_id 
_pdbx_poly_seq_scheme.pdb_ins_code 
_pdbx_poly_seq_scheme.hetero 
A 1 1 C  1 1  1  C  C  A . n 
A 1 2 G  2 2  2  G  G  A . n 
A 1 3 U  3 3  3  U  U  A . n 
A 1 4 A  4 4  4  A  A  A . n 
A 1 5 C  5 5  5  C  C  A . n 
A 1 6 DG 6 6  6  DG DG A . n 
B 1 1 C  1 7  7  C  C  B . n 
B 1 2 G  2 8  8  G  G  B . n 
B 1 3 U  3 9  9  U  U  B . n 
B 1 4 A  4 10 10 A  A  B . n 
B 1 5 C  5 11 11 C  C  B . n 
B 1 6 DG 6 12 12 DG DG B . n 
C 1 1 C  1 13 13 C  C  C . n 
C 1 2 G  2 14 14 G  G  C . n 
C 1 3 U  3 15 15 U  U  C . n 
C 1 4 A  4 16 16 A  A  C . n 
C 1 5 C  5 17 17 C  C  C . n 
C 1 6 DG 6 18 18 DG DG C . n 
D 1 1 C  1 19 19 C  C  D . n 
D 1 2 G  2 20 20 G  G  D . n 
D 1 3 U  3 21 21 U  U  D . n 
D 1 4 A  4 22 22 A  A  D . n 
D 1 5 C  5 23 23 C  C  D . n 
D 1 6 DG 6 24 24 DG DG D . n 
# 
loop_
_pdbx_nonpoly_scheme.asym_id 
_pdbx_nonpoly_scheme.entity_id 
_pdbx_nonpoly_scheme.mon_id 
_pdbx_nonpoly_scheme.ndb_seq_num 
_pdbx_nonpoly_scheme.pdb_seq_num 
_pdbx_nonpoly_scheme.auth_seq_num 
_pdbx_nonpoly_scheme.pdb_mon_id 
_pdbx_nonpoly_scheme.auth_mon_id 
_pdbx_nonpoly_scheme.pdb_strand_id 
_pdbx_nonpoly_scheme.pdb_ins_code 
E 2 HOH 1  28  28  HOH HOH A . 
E 2 HOH 2  29  29  HOH HOH A . 
E 2 HOH 3  34  34  HOH HOH A . 
E 2 HOH 4  37  37  HOH HOH A . 
E 2 HOH 5  38  38  HOH HOH A . 
E 2 HOH 6  48  48  HOH HOH A . 
E 2 HOH 7  57  57  HOH HOH A . 
E 2 HOH 8  66  66  HOH HOH A . 
E 2 HOH 9  74  74  HOH HOH A . 
E 2 HOH 10 77  77  HOH HOH A . 
E 2 HOH 11 85  85  HOH HOH A . 
E 2 HOH 12 87  87  HOH HOH A . 
E 2 HOH 13 88  88  HOH HOH A . 
E 2 HOH 14 92  92  HOH HOH A . 
E 2 HOH 15 95  95  HOH HOH A . 
E 2 HOH 16 98  98  HOH HOH A . 
E 2 HOH 17 103 103 HOH HOH A . 
E 2 HOH 18 104 104 HOH HOH A . 
E 2 HOH 19 109 109 HOH HOH A . 
F 2 HOH 1  25  25  HOH HOH B . 
F 2 HOH 2  30  30  HOH HOH B . 
F 2 HOH 3  31  31  HOH HOH B . 
F 2 HOH 4  36  36  HOH HOH B . 
F 2 HOH 5  40  40  HOH HOH B . 
F 2 HOH 6  50  50  HOH HOH B . 
F 2 HOH 7  51  51  HOH HOH B . 
F 2 HOH 8  53  53  HOH HOH B . 
F 2 HOH 9  58  58  HOH HOH B . 
F 2 HOH 10 60  60  HOH HOH B . 
F 2 HOH 11 61  61  HOH HOH B . 
F 2 HOH 12 62  62  HOH HOH B . 
F 2 HOH 13 63  63  HOH HOH B . 
F 2 HOH 14 64  64  HOH HOH B . 
F 2 HOH 15 65  65  HOH HOH B . 
F 2 HOH 16 67  67  HOH HOH B . 
F 2 HOH 17 70  70  HOH HOH B . 
F 2 HOH 18 84  84  HOH HOH B . 
F 2 HOH 19 89  89  HOH HOH B . 
F 2 HOH 20 90  90  HOH HOH B . 
F 2 HOH 21 91  91  HOH HOH B . 
F 2 HOH 22 93  93  HOH HOH B . 
F 2 HOH 23 96  96  HOH HOH B . 
F 2 HOH 24 97  97  HOH HOH B . 
F 2 HOH 25 101 101 HOH HOH B . 
F 2 HOH 26 107 107 HOH HOH B . 
F 2 HOH 27 108 108 HOH HOH B . 
G 2 HOH 1  41  41  HOH HOH C . 
G 2 HOH 2  43  43  HOH HOH C . 
G 2 HOH 3  44  44  HOH HOH C . 
G 2 HOH 4  45  45  HOH HOH C . 
G 2 HOH 5  49  49  HOH HOH C . 
G 2 HOH 6  52  52  HOH HOH C . 
G 2 HOH 7  54  54  HOH HOH C . 
G 2 HOH 8  55  55  HOH HOH C . 
G 2 HOH 9  68  68  HOH HOH C . 
G 2 HOH 10 69  69  HOH HOH C . 
G 2 HOH 11 72  72  HOH HOH C . 
G 2 HOH 12 73  73  HOH HOH C . 
G 2 HOH 13 75  75  HOH HOH C . 
G 2 HOH 14 76  76  HOH HOH C . 
G 2 HOH 15 79  79  HOH HOH C . 
G 2 HOH 16 80  80  HOH HOH C . 
G 2 HOH 17 82  82  HOH HOH C . 
G 2 HOH 18 83  83  HOH HOH C . 
G 2 HOH 19 86  86  HOH HOH C . 
G 2 HOH 20 94  94  HOH HOH C . 
G 2 HOH 21 99  99  HOH HOH C . 
G 2 HOH 22 102 102 HOH HOH C . 
G 2 HOH 23 105 105 HOH HOH C . 
G 2 HOH 24 106 106 HOH HOH C . 
H 2 HOH 1  26  26  HOH HOH D . 
H 2 HOH 2  27  27  HOH HOH D . 
H 2 HOH 3  32  32  HOH HOH D . 
H 2 HOH 4  33  33  HOH HOH D . 
H 2 HOH 5  35  35  HOH HOH D . 
H 2 HOH 6  39  39  HOH HOH D . 
H 2 HOH 7  42  42  HOH HOH D . 
H 2 HOH 8  46  46  HOH HOH D . 
H 2 HOH 9  47  47  HOH HOH D . 
H 2 HOH 10 56  56  HOH HOH D . 
H 2 HOH 11 59  59  HOH HOH D . 
H 2 HOH 12 71  71  HOH HOH D . 
H 2 HOH 13 78  78  HOH HOH D . 
H 2 HOH 14 81  81  HOH HOH D . 
H 2 HOH 15 100 100 HOH HOH D . 
# 
loop_
_software.name 
_software.classification 
_software.version 
_software.citation_id 
_software.pdbx_ordinal 
X-PLOR refinement       . ? 1 
R-AXIS 'data reduction' . ? 2 
R-AXIS 'data scaling'   . ? 3 
# 
_cell.entry_id           377D 
_cell.length_a           29.530 
_cell.length_b           44.610 
_cell.length_c           94.180 
_cell.angle_alpha        90.00 
_cell.angle_beta         90.00 
_cell.angle_gamma        90.00 
_cell.Z_PDB              32 
_cell.pdbx_unique_axis   ? 
_cell.length_a_esd       ? 
_cell.length_b_esd       ? 
_cell.length_c_esd       ? 
_cell.angle_alpha_esd    ? 
_cell.angle_beta_esd     ? 
_cell.angle_gamma_esd    ? 
# 
_symmetry.entry_id                         377D 
_symmetry.space_group_name_H-M             'C 2 2 21' 
_symmetry.pdbx_full_space_group_name_H-M   ? 
_symmetry.cell_setting                     ? 
_symmetry.Int_Tables_number                20 
_symmetry.space_group_name_Hall            ? 
# 
_exptl.entry_id          377D 
_exptl.method            'X-RAY DIFFRACTION' 
_exptl.crystals_number   ? 
# 
_exptl_crystal.id                    1 
_exptl_crystal.density_meas          ? 
_exptl_crystal.density_percent_sol   40.51 
_exptl_crystal.density_Matthews      2.07 
_exptl_crystal.description           ? 
_exptl_crystal.F_000                 ? 
_exptl_crystal.preparation           ? 
# 
_diffrn.id                     1 
_diffrn.ambient_temp           291.00 
_diffrn.ambient_temp_details   ? 
_diffrn.crystal_id             1 
# 
_diffrn_detector.diffrn_id              1 
_diffrn_detector.detector               'IMAGE PLATE' 
_diffrn_detector.type                   'RIGAKU RAXIS IIC' 
_diffrn_detector.pdbx_collection_date   ? 
_diffrn_detector.details                ? 
# 
_diffrn_radiation.diffrn_id                        1 
_diffrn_radiation.wavelength_id                    1 
_diffrn_radiation.pdbx_monochromatic_or_laue_m_l   M 
_diffrn_radiation.monochromator                    ? 
_diffrn_radiation.pdbx_diffrn_protocol             'SINGLE WAVELENGTH' 
_diffrn_radiation.pdbx_scattering_type             x-ray 
# 
_diffrn_radiation_wavelength.id           1 
_diffrn_radiation_wavelength.wavelength   . 
_diffrn_radiation_wavelength.wt           1.0 
# 
_diffrn_source.diffrn_id                   1 
_diffrn_source.source                      'ROTATING ANODE' 
_diffrn_source.type                        'RIGAKU R-AXIS II' 
_diffrn_source.pdbx_synchrotron_site       ? 
_diffrn_source.pdbx_synchrotron_beamline   ? 
_diffrn_source.pdbx_wavelength             ? 
_diffrn_source.pdbx_wavelength_list        ? 
# 
_refine.entry_id                                 377D 
_refine.ls_number_reflns_obs                     4757 
_refine.ls_number_reflns_all                     ? 
_refine.pdbx_ls_sigma_I                          ? 
_refine.pdbx_ls_sigma_F                          2.000 
_refine.pdbx_data_cutoff_high_absF               ? 
_refine.pdbx_data_cutoff_low_absF                ? 
_refine.pdbx_data_cutoff_high_rms_absF           ? 
_refine.ls_d_res_low                             8.000 
_refine.ls_d_res_high                            1.760 
_refine.ls_percent_reflns_obs                    ? 
_refine.ls_R_factor_obs                          0.1880000 
_refine.ls_R_factor_all                          ? 
_refine.ls_R_factor_R_work                       0.1880000 
_refine.ls_R_factor_R_free                       0.2320000 
_refine.ls_R_factor_R_free_error                 ? 
_refine.ls_R_factor_R_free_error_details         ? 
_refine.ls_percent_reflns_R_free                 ? 
_refine.ls_number_reflns_R_free                  ? 
_refine.ls_number_parameters                     ? 
_refine.ls_number_restraints                     ? 
_refine.occupancy_min                            ? 
_refine.occupancy_max                            ? 
_refine.B_iso_mean                               ? 
_refine.aniso_B[1][1]                            ? 
_refine.aniso_B[2][2]                            ? 
_refine.aniso_B[3][3]                            ? 
_refine.aniso_B[1][2]                            ? 
_refine.aniso_B[1][3]                            ? 
_refine.aniso_B[2][3]                            ? 
_refine.solvent_model_details                    ? 
_refine.solvent_model_param_ksol                 ? 
_refine.solvent_model_param_bsol                 ? 
_refine.pdbx_ls_cross_valid_method               ? 
_refine.details                                  ? 
_refine.pdbx_starting_model                      ? 
_refine.pdbx_method_to_determine_struct          ? 
_refine.pdbx_isotropic_thermal_model             ? 
_refine.pdbx_stereochemistry_target_values       ? 
_refine.pdbx_stereochem_target_val_spec_case     ? 
_refine.pdbx_R_Free_selection_details            ? 
_refine.pdbx_overall_ESU_R                       ? 
_refine.pdbx_overall_ESU_R_Free                  ? 
_refine.overall_SU_ML                            ? 
_refine.overall_SU_B                             ? 
_refine.ls_redundancy_reflns_obs                 ? 
_refine.pdbx_overall_phase_error                 ? 
_refine.correlation_coeff_Fo_to_Fc               ? 
_refine.correlation_coeff_Fo_to_Fc_free          ? 
_refine.pdbx_solvent_vdw_probe_radii             ? 
_refine.pdbx_solvent_ion_probe_radii             ? 
_refine.pdbx_solvent_shrinkage_radii             ? 
_refine.overall_SU_R_Cruickshank_DPI             ? 
_refine.overall_SU_R_free                        ? 
_refine.ls_wR_factor_R_free                      ? 
_refine.ls_wR_factor_R_work                      ? 
_refine.overall_FOM_free_R_set                   ? 
_refine.overall_FOM_work_R_set                   ? 
_refine.pdbx_refine_id                           'X-RAY DIFFRACTION' 
_refine.pdbx_diffrn_id                           1 
_refine.pdbx_TLS_residual_ADP_flag               ? 
_refine.pdbx_overall_SU_R_free_Cruickshank_DPI   ? 
_refine.pdbx_overall_SU_R_Blow_DPI               ? 
_refine.pdbx_overall_SU_R_free_Blow_DPI          ? 
# 
_refine_hist.pdbx_refine_id                   'X-RAY DIFFRACTION' 
_refine_hist.cycle_id                         LAST 
_refine_hist.pdbx_number_atoms_protein        0 
_refine_hist.pdbx_number_atoms_nucleic_acid   496 
_refine_hist.pdbx_number_atoms_ligand         0 
_refine_hist.number_atoms_solvent             85 
_refine_hist.number_atoms_total               581 
_refine_hist.d_res_high                       1.760 
_refine_hist.d_res_low                        8.000 
# 
_pdbx_xplor_file.serial_no        1 
_pdbx_xplor_file.param_file       PARAM_ND.DNA 
_pdbx_xplor_file.topol_file       TOP_NDBX.DNA 
_pdbx_xplor_file.pdbx_refine_id   'X-RAY DIFFRACTION' 
# 
_struct.entry_id                  377D 
_struct.title                     "5'-R(*CP*GP*UP*AP*CP*DG)-3'" 
_struct.pdbx_model_details        ? 
_struct.pdbx_CASP_flag            ? 
_struct.pdbx_model_type_details   ? 
# 
_struct_keywords.entry_id        377D 
_struct_keywords.pdbx_keywords   RNA 
_struct_keywords.text            'A-RNA, DOUBLE HELIX, RNA' 
# 
loop_
_struct_asym.id 
_struct_asym.pdbx_blank_PDB_chainid_flag 
_struct_asym.pdbx_modified 
_struct_asym.entity_id 
_struct_asym.details 
A N N 1 ? 
B N N 1 ? 
C N N 1 ? 
D N N 1 ? 
E N N 2 ? 
F N N 2 ? 
G N N 2 ? 
H N N 2 ? 
# 
_struct_ref.id                         1 
_struct_ref.entity_id                  1 
_struct_ref.db_name                    PDB 
_struct_ref.db_code                    377D 
_struct_ref.pdbx_db_accession          377D 
_struct_ref.pdbx_db_isoform            ? 
_struct_ref.pdbx_seq_one_letter_code   ? 
_struct_ref.pdbx_align_begin           ? 
# 
loop_
_struct_ref_seq.align_id 
_struct_ref_seq.ref_id 
_struct_ref_seq.pdbx_PDB_id_code 
_struct_ref_seq.pdbx_strand_id 
_struct_ref_seq.seq_align_beg 
_struct_ref_seq.pdbx_seq_align_beg_ins_code 
_struct_ref_seq.seq_align_end 
_struct_ref_seq.pdbx_seq_align_end_ins_code 
_struct_ref_seq.pdbx_db_accession 
_struct_ref_seq.db_align_beg 
_struct_ref_seq.pdbx_db_align_beg_ins_code 
_struct_ref_seq.db_align_end 
_struct_ref_seq.pdbx_db_align_end_ins_code 
_struct_ref_seq.pdbx_auth_seq_align_beg 
_struct_ref_seq.pdbx_auth_seq_align_end 
1 1 377D A 1 ? 6 ? 377D 1  ? 6  ? 1  6  
2 1 377D B 1 ? 6 ? 377D 7  ? 12 ? 7  12 
3 1 377D C 1 ? 6 ? 377D 13 ? 18 ? 13 18 
4 1 377D D 1 ? 6 ? 377D 19 ? 24 ? 19 24 
# 
loop_
_pdbx_struct_assembly.id 
_pdbx_struct_assembly.details 
_pdbx_struct_assembly.method_details 
_pdbx_struct_assembly.oligomeric_details 
_pdbx_struct_assembly.oligomeric_count 
1 author_and_software_defined_assembly PISA dimeric 2 
2 author_and_software_defined_assembly PISA dimeric 2 
# 
loop_
_pdbx_struct_assembly_prop.biol_id 
_pdbx_struct_assembly_prop.type 
_pdbx_struct_assembly_prop.value 
_pdbx_struct_assembly_prop.details 
1 'ABSA (A^2)' 630  ? 
1 MORE         -0.9 ? 
1 'SSA (A^2)'  2370 ? 
2 'ABSA (A^2)' 630  ? 
2 MORE         -0.4 ? 
2 'SSA (A^2)'  2380 ? 
# 
loop_
_pdbx_struct_assembly_gen.assembly_id 
_pdbx_struct_assembly_gen.oper_expression 
_pdbx_struct_assembly_gen.asym_id_list 
1 1 A,B,E,F 
2 1 C,D,G,H 
# 
_pdbx_struct_oper_list.id                   1 
_pdbx_struct_oper_list.type                 'identity operation' 
_pdbx_struct_oper_list.name                 1_555 
_pdbx_struct_oper_list.symmetry_operation   x,y,z 
_pdbx_struct_oper_list.matrix[1][1]         1.0000000000 
_pdbx_struct_oper_list.matrix[1][2]         0.0000000000 
_pdbx_struct_oper_list.matrix[1][3]         0.0000000000 
_pdbx_struct_oper_list.vector[1]            0.0000000000 
_pdbx_struct_oper_list.matrix[2][1]         0.0000000000 
_pdbx_struct_oper_list.matrix[2][2]         1.0000000000 
_pdbx_struct_oper_list.matrix[2][3]         0.0000000000 
_pdbx_struct_oper_list.vector[2]            0.0000000000 
_pdbx_struct_oper_list.matrix[3][1]         0.0000000000 
_pdbx_struct_oper_list.matrix[3][2]         0.0000000000 
_pdbx_struct_oper_list.matrix[3][3]         1.0000000000 
_pdbx_struct_oper_list.vector[3]            0.0000000000 
# 
loop_
_struct_biol.id 
_struct_biol.details 
1 ? 
2 ? 
# 
loop_
_struct_conn.id 
_struct_conn.conn_type_id 
_struct_conn.pdbx_leaving_atom_flag 
_struct_conn.pdbx_PDB_id 
_struct_conn.ptnr1_label_asym_id 
_struct_conn.ptnr1_label_comp_id 
_struct_conn.ptnr1_label_seq_id 
_struct_conn.ptnr1_label_atom_id 
_struct_conn.pdbx_ptnr1_label_alt_id 
_struct_conn.pdbx_ptnr1_PDB_ins_code 
_struct_conn.pdbx_ptnr1_standard_comp_id 
_struct_conn.ptnr1_symmetry 
_struct_conn.ptnr2_label_asym_id 
_struct_conn.ptnr2_label_comp_id 
_struct_conn.ptnr2_label_seq_id 
_struct_conn.ptnr2_label_atom_id 
_struct_conn.pdbx_ptnr2_label_alt_id 
_struct_conn.pdbx_ptnr2_PDB_ins_code 
_struct_conn.ptnr1_auth_asym_id 
_struct_conn.ptnr1_auth_comp_id 
_struct_conn.ptnr1_auth_seq_id 
_struct_conn.ptnr2_auth_asym_id 
_struct_conn.ptnr2_auth_comp_id 
_struct_conn.ptnr2_auth_seq_id 
_struct_conn.ptnr2_symmetry 
_struct_conn.pdbx_ptnr3_label_atom_id 
_struct_conn.pdbx_ptnr3_label_seq_id 
_struct_conn.pdbx_ptnr3_label_comp_id 
_struct_conn.pdbx_ptnr3_label_asym_id 
_struct_conn.pdbx_ptnr3_label_alt_id 
_struct_conn.pdbx_ptnr3_PDB_ins_code 
_struct_conn.details 
_struct_conn.pdbx_dist_value 
_struct_conn.pdbx_value_order 
_struct_conn.pdbx_role 
hydrog1  hydrog ? ? A C  1 N3 ? ? ? 1_555 B DG 6 N1 ? ? A C  1  B DG 12 1_555 ? ? ? ? ? ? WATSON-CRICK ? ? ? 
hydrog2  hydrog ? ? A C  1 N4 ? ? ? 1_555 B DG 6 O6 ? ? A C  1  B DG 12 1_555 ? ? ? ? ? ? WATSON-CRICK ? ? ? 
hydrog3  hydrog ? ? A C  1 O2 ? ? ? 1_555 B DG 6 N2 ? ? A C  1  B DG 12 1_555 ? ? ? ? ? ? WATSON-CRICK ? ? ? 
hydrog4  hydrog ? ? A G  2 N1 ? ? ? 1_555 B C  5 N3 ? ? A G  2  B C  11 1_555 ? ? ? ? ? ? WATSON-CRICK ? ? ? 
hydrog5  hydrog ? ? A G  2 N2 ? ? ? 1_555 B C  5 O2 ? ? A G  2  B C  11 1_555 ? ? ? ? ? ? WATSON-CRICK ? ? ? 
hydrog6  hydrog ? ? A G  2 O6 ? ? ? 1_555 B C  5 N4 ? ? A G  2  B C  11 1_555 ? ? ? ? ? ? WATSON-CRICK ? ? ? 
hydrog7  hydrog ? ? A U  3 N3 ? ? ? 1_555 B A  4 N1 ? ? A U  3  B A  10 1_555 ? ? ? ? ? ? WATSON-CRICK ? ? ? 
hydrog8  hydrog ? ? A U  3 O4 ? ? ? 1_555 B A  4 N6 ? ? A U  3  B A  10 1_555 ? ? ? ? ? ? WATSON-CRICK ? ? ? 
hydrog9  hydrog ? ? A A  4 N1 ? ? ? 1_555 B U  3 N3 ? ? A A  4  B U  9  1_555 ? ? ? ? ? ? WATSON-CRICK ? ? ? 
hydrog10 hydrog ? ? A A  4 N6 ? ? ? 1_555 B U  3 O4 ? ? A A  4  B U  9  1_555 ? ? ? ? ? ? WATSON-CRICK ? ? ? 
hydrog11 hydrog ? ? A C  5 N3 ? ? ? 1_555 B G  2 N1 ? ? A C  5  B G  8  1_555 ? ? ? ? ? ? WATSON-CRICK ? ? ? 
hydrog12 hydrog ? ? A C  5 N4 ? ? ? 1_555 B G  2 O6 ? ? A C  5  B G  8  1_555 ? ? ? ? ? ? WATSON-CRICK ? ? ? 
hydrog13 hydrog ? ? A C  5 O2 ? ? ? 1_555 B G  2 N2 ? ? A C  5  B G  8  1_555 ? ? ? ? ? ? WATSON-CRICK ? ? ? 
hydrog14 hydrog ? ? A DG 6 N1 ? ? ? 1_555 B C  1 N3 ? ? A DG 6  B C  7  1_555 ? ? ? ? ? ? WATSON-CRICK ? ? ? 
hydrog15 hydrog ? ? A DG 6 N2 ? ? ? 1_555 B C  1 O2 ? ? A DG 6  B C  7  1_555 ? ? ? ? ? ? WATSON-CRICK ? ? ? 
hydrog16 hydrog ? ? A DG 6 O6 ? ? ? 1_555 B C  1 N4 ? ? A DG 6  B C  7  1_555 ? ? ? ? ? ? WATSON-CRICK ? ? ? 
hydrog17 hydrog ? ? C C  1 N3 ? ? ? 1_555 D DG 6 N1 ? ? C C  13 D DG 24 1_555 ? ? ? ? ? ? WATSON-CRICK ? ? ? 
hydrog18 hydrog ? ? C C  1 N4 ? ? ? 1_555 D DG 6 O6 ? ? C C  13 D DG 24 1_555 ? ? ? ? ? ? WATSON-CRICK ? ? ? 
hydrog19 hydrog ? ? C C  1 O2 ? ? ? 1_555 D DG 6 N2 ? ? C C  13 D DG 24 1_555 ? ? ? ? ? ? WATSON-CRICK ? ? ? 
hydrog20 hydrog ? ? C G  2 N1 ? ? ? 1_555 D C  5 N3 ? ? C G  14 D C  23 1_555 ? ? ? ? ? ? WATSON-CRICK ? ? ? 
hydrog21 hydrog ? ? C G  2 N2 ? ? ? 1_555 D C  5 O2 ? ? C G  14 D C  23 1_555 ? ? ? ? ? ? WATSON-CRICK ? ? ? 
hydrog22 hydrog ? ? C G  2 O6 ? ? ? 1_555 D C  5 N4 ? ? C G  14 D C  23 1_555 ? ? ? ? ? ? WATSON-CRICK ? ? ? 
hydrog23 hydrog ? ? C U  3 N3 ? ? ? 1_555 D A  4 N1 ? ? C U  15 D A  22 1_555 ? ? ? ? ? ? WATSON-CRICK ? ? ? 
hydrog24 hydrog ? ? C U  3 O4 ? ? ? 1_555 D A  4 N6 ? ? C U  15 D A  22 1_555 ? ? ? ? ? ? WATSON-CRICK ? ? ? 
hydrog25 hydrog ? ? C A  4 N1 ? ? ? 1_555 D U  3 N3 ? ? C A  16 D U  21 1_555 ? ? ? ? ? ? WATSON-CRICK ? ? ? 
hydrog26 hydrog ? ? C A  4 N6 ? ? ? 1_555 D U  3 O4 ? ? C A  16 D U  21 1_555 ? ? ? ? ? ? WATSON-CRICK ? ? ? 
hydrog27 hydrog ? ? C C  5 N3 ? ? ? 1_555 D G  2 N1 ? ? C C  17 D G  20 1_555 ? ? ? ? ? ? WATSON-CRICK ? ? ? 
hydrog28 hydrog ? ? C C  5 N4 ? ? ? 1_555 D G  2 O6 ? ? C C  17 D G  20 1_555 ? ? ? ? ? ? WATSON-CRICK ? ? ? 
hydrog29 hydrog ? ? C C  5 O2 ? ? ? 1_555 D G  2 N2 ? ? C C  17 D G  20 1_555 ? ? ? ? ? ? WATSON-CRICK ? ? ? 
hydrog30 hydrog ? ? C DG 6 N1 ? ? ? 1_555 D C  1 N3 ? ? C DG 18 D C  19 1_555 ? ? ? ? ? ? WATSON-CRICK ? ? ? 
hydrog31 hydrog ? ? C DG 6 N2 ? ? ? 1_555 D C  1 O2 ? ? C DG 18 D C  19 1_555 ? ? ? ? ? ? WATSON-CRICK ? ? ? 
hydrog32 hydrog ? ? C DG 6 O6 ? ? ? 1_555 D C  1 N4 ? ? C DG 18 D C  19 1_555 ? ? ? ? ? ? WATSON-CRICK ? ? ? 
# 
_struct_conn_type.id          hydrog 
_struct_conn_type.criteria    ? 
_struct_conn_type.reference   ? 
# 
loop_
_chem_comp_atom.comp_id 
_chem_comp_atom.atom_id 
_chem_comp_atom.type_symbol 
_chem_comp_atom.pdbx_aromatic_flag 
_chem_comp_atom.pdbx_stereo_config 
_chem_comp_atom.pdbx_ordinal 
A   OP3    O N N 1   
A   P      P N N 2   
A   OP1    O N N 3   
A   OP2    O N N 4   
A   "O5'"  O N N 5   
A   "C5'"  C N N 6   
A   "C4'"  C N R 7   
A   "O4'"  O N N 8   
A   "C3'"  C N S 9   
A   "O3'"  O N N 10  
A   "C2'"  C N R 11  
A   "O2'"  O N N 12  
A   "C1'"  C N R 13  
A   N9     N Y N 14  
A   C8     C Y N 15  
A   N7     N Y N 16  
A   C5     C Y N 17  
A   C6     C Y N 18  
A   N6     N N N 19  
A   N1     N Y N 20  
A   C2     C Y N 21  
A   N3     N Y N 22  
A   C4     C Y N 23  
A   HOP3   H N N 24  
A   HOP2   H N N 25  
A   "H5'"  H N N 26  
A   "H5''" H N N 27  
A   "H4'"  H N N 28  
A   "H3'"  H N N 29  
A   "HO3'" H N N 30  
A   "H2'"  H N N 31  
A   "HO2'" H N N 32  
A   "H1'"  H N N 33  
A   H8     H N N 34  
A   H61    H N N 35  
A   H62    H N N 36  
A   H2     H N N 37  
C   OP3    O N N 38  
C   P      P N N 39  
C   OP1    O N N 40  
C   OP2    O N N 41  
C   "O5'"  O N N 42  
C   "C5'"  C N N 43  
C   "C4'"  C N R 44  
C   "O4'"  O N N 45  
C   "C3'"  C N S 46  
C   "O3'"  O N N 47  
C   "C2'"  C N R 48  
C   "O2'"  O N N 49  
C   "C1'"  C N R 50  
C   N1     N N N 51  
C   C2     C N N 52  
C   O2     O N N 53  
C   N3     N N N 54  
C   C4     C N N 55  
C   N4     N N N 56  
C   C5     C N N 57  
C   C6     C N N 58  
C   HOP3   H N N 59  
C   HOP2   H N N 60  
C   "H5'"  H N N 61  
C   "H5''" H N N 62  
C   "H4'"  H N N 63  
C   "H3'"  H N N 64  
C   "HO3'" H N N 65  
C   "H2'"  H N N 66  
C   "HO2'" H N N 67  
C   "H1'"  H N N 68  
C   H41    H N N 69  
C   H42    H N N 70  
C   H5     H N N 71  
C   H6     H N N 72  
DG  OP3    O N N 73  
DG  P      P N N 74  
DG  OP1    O N N 75  
DG  OP2    O N N 76  
DG  "O5'"  O N N 77  
DG  "C5'"  C N N 78  
DG  "C4'"  C N R 79  
DG  "O4'"  O N N 80  
DG  "C3'"  C N S 81  
DG  "O3'"  O N N 82  
DG  "C2'"  C N N 83  
DG  "C1'"  C N R 84  
DG  N9     N Y N 85  
DG  C8     C Y N 86  
DG  N7     N Y N 87  
DG  C5     C Y N 88  
DG  C6     C N N 89  
DG  O6     O N N 90  
DG  N1     N N N 91  
DG  C2     C N N 92  
DG  N2     N N N 93  
DG  N3     N N N 94  
DG  C4     C Y N 95  
DG  HOP3   H N N 96  
DG  HOP2   H N N 97  
DG  "H5'"  H N N 98  
DG  "H5''" H N N 99  
DG  "H4'"  H N N 100 
DG  "H3'"  H N N 101 
DG  "HO3'" H N N 102 
DG  "H2'"  H N N 103 
DG  "H2''" H N N 104 
DG  "H1'"  H N N 105 
DG  H8     H N N 106 
DG  H1     H N N 107 
DG  H21    H N N 108 
DG  H22    H N N 109 
G   OP3    O N N 110 
G   P      P N N 111 
G   OP1    O N N 112 
G   OP2    O N N 113 
G   "O5'"  O N N 114 
G   "C5'"  C N N 115 
G   "C4'"  C N R 116 
G   "O4'"  O N N 117 
G   "C3'"  C N S 118 
G   "O3'"  O N N 119 
G   "C2'"  C N R 120 
G   "O2'"  O N N 121 
G   "C1'"  C N R 122 
G   N9     N Y N 123 
G   C8     C Y N 124 
G   N7     N Y N 125 
G   C5     C Y N 126 
G   C6     C N N 127 
G   O6     O N N 128 
G   N1     N N N 129 
G   C2     C N N 130 
G   N2     N N N 131 
G   N3     N N N 132 
G   C4     C Y N 133 
G   HOP3   H N N 134 
G   HOP2   H N N 135 
G   "H5'"  H N N 136 
G   "H5''" H N N 137 
G   "H4'"  H N N 138 
G   "H3'"  H N N 139 
G   "HO3'" H N N 140 
G   "H2'"  H N N 141 
G   "HO2'" H N N 142 
G   "H1'"  H N N 143 
G   H8     H N N 144 
G   H1     H N N 145 
G   H21    H N N 146 
G   H22    H N N 147 
HOH O      O N N 148 
HOH H1     H N N 149 
HOH H2     H N N 150 
U   OP3    O N N 151 
U   P      P N N 152 
U   OP1    O N N 153 
U   OP2    O N N 154 
U   "O5'"  O N N 155 
U   "C5'"  C N N 156 
U   "C4'"  C N R 157 
U   "O4'"  O N N 158 
U   "C3'"  C N S 159 
U   "O3'"  O N N 160 
U   "C2'"  C N R 161 
U   "O2'"  O N N 162 
U   "C1'"  C N R 163 
U   N1     N N N 164 
U   C2     C N N 165 
U   O2     O N N 166 
U   N3     N N N 167 
U   C4     C N N 168 
U   O4     O N N 169 
U   C5     C N N 170 
U   C6     C N N 171 
U   HOP3   H N N 172 
U   HOP2   H N N 173 
U   "H5'"  H N N 174 
U   "H5''" H N N 175 
U   "H4'"  H N N 176 
U   "H3'"  H N N 177 
U   "HO3'" H N N 178 
U   "H2'"  H N N 179 
U   "HO2'" H N N 180 
U   "H1'"  H N N 181 
U   H3     H N N 182 
U   H5     H N N 183 
U   H6     H N N 184 
# 
loop_
_chem_comp_bond.comp_id 
_chem_comp_bond.atom_id_1 
_chem_comp_bond.atom_id_2 
_chem_comp_bond.value_order 
_chem_comp_bond.pdbx_aromatic_flag 
_chem_comp_bond.pdbx_stereo_config 
_chem_comp_bond.pdbx_ordinal 
A   OP3   P      sing N N 1   
A   OP3   HOP3   sing N N 2   
A   P     OP1    doub N N 3   
A   P     OP2    sing N N 4   
A   P     "O5'"  sing N N 5   
A   OP2   HOP2   sing N N 6   
A   "O5'" "C5'"  sing N N 7   
A   "C5'" "C4'"  sing N N 8   
A   "C5'" "H5'"  sing N N 9   
A   "C5'" "H5''" sing N N 10  
A   "C4'" "O4'"  sing N N 11  
A   "C4'" "C3'"  sing N N 12  
A   "C4'" "H4'"  sing N N 13  
A   "O4'" "C1'"  sing N N 14  
A   "C3'" "O3'"  sing N N 15  
A   "C3'" "C2'"  sing N N 16  
A   "C3'" "H3'"  sing N N 17  
A   "O3'" "HO3'" sing N N 18  
A   "C2'" "O2'"  sing N N 19  
A   "C2'" "C1'"  sing N N 20  
A   "C2'" "H2'"  sing N N 21  
A   "O2'" "HO2'" sing N N 22  
A   "C1'" N9     sing N N 23  
A   "C1'" "H1'"  sing N N 24  
A   N9    C8     sing Y N 25  
A   N9    C4     sing Y N 26  
A   C8    N7     doub Y N 27  
A   C8    H8     sing N N 28  
A   N7    C5     sing Y N 29  
A   C5    C6     sing Y N 30  
A   C5    C4     doub Y N 31  
A   C6    N6     sing N N 32  
A   C6    N1     doub Y N 33  
A   N6    H61    sing N N 34  
A   N6    H62    sing N N 35  
A   N1    C2     sing Y N 36  
A   C2    N3     doub Y N 37  
A   C2    H2     sing N N 38  
A   N3    C4     sing Y N 39  
C   OP3   P      sing N N 40  
C   OP3   HOP3   sing N N 41  
C   P     OP1    doub N N 42  
C   P     OP2    sing N N 43  
C   P     "O5'"  sing N N 44  
C   OP2   HOP2   sing N N 45  
C   "O5'" "C5'"  sing N N 46  
C   "C5'" "C4'"  sing N N 47  
C   "C5'" "H5'"  sing N N 48  
C   "C5'" "H5''" sing N N 49  
C   "C4'" "O4'"  sing N N 50  
C   "C4'" "C3'"  sing N N 51  
C   "C4'" "H4'"  sing N N 52  
C   "O4'" "C1'"  sing N N 53  
C   "C3'" "O3'"  sing N N 54  
C   "C3'" "C2'"  sing N N 55  
C   "C3'" "H3'"  sing N N 56  
C   "O3'" "HO3'" sing N N 57  
C   "C2'" "O2'"  sing N N 58  
C   "C2'" "C1'"  sing N N 59  
C   "C2'" "H2'"  sing N N 60  
C   "O2'" "HO2'" sing N N 61  
C   "C1'" N1     sing N N 62  
C   "C1'" "H1'"  sing N N 63  
C   N1    C2     sing N N 64  
C   N1    C6     sing N N 65  
C   C2    O2     doub N N 66  
C   C2    N3     sing N N 67  
C   N3    C4     doub N N 68  
C   C4    N4     sing N N 69  
C   C4    C5     sing N N 70  
C   N4    H41    sing N N 71  
C   N4    H42    sing N N 72  
C   C5    C6     doub N N 73  
C   C5    H5     sing N N 74  
C   C6    H6     sing N N 75  
DG  OP3   P      sing N N 76  
DG  OP3   HOP3   sing N N 77  
DG  P     OP1    doub N N 78  
DG  P     OP2    sing N N 79  
DG  P     "O5'"  sing N N 80  
DG  OP2   HOP2   sing N N 81  
DG  "O5'" "C5'"  sing N N 82  
DG  "C5'" "C4'"  sing N N 83  
DG  "C5'" "H5'"  sing N N 84  
DG  "C5'" "H5''" sing N N 85  
DG  "C4'" "O4'"  sing N N 86  
DG  "C4'" "C3'"  sing N N 87  
DG  "C4'" "H4'"  sing N N 88  
DG  "O4'" "C1'"  sing N N 89  
DG  "C3'" "O3'"  sing N N 90  
DG  "C3'" "C2'"  sing N N 91  
DG  "C3'" "H3'"  sing N N 92  
DG  "O3'" "HO3'" sing N N 93  
DG  "C2'" "C1'"  sing N N 94  
DG  "C2'" "H2'"  sing N N 95  
DG  "C2'" "H2''" sing N N 96  
DG  "C1'" N9     sing N N 97  
DG  "C1'" "H1'"  sing N N 98  
DG  N9    C8     sing Y N 99  
DG  N9    C4     sing Y N 100 
DG  C8    N7     doub Y N 101 
DG  C8    H8     sing N N 102 
DG  N7    C5     sing Y N 103 
DG  C5    C6     sing N N 104 
DG  C5    C4     doub Y N 105 
DG  C6    O6     doub N N 106 
DG  C6    N1     sing N N 107 
DG  N1    C2     sing N N 108 
DG  N1    H1     sing N N 109 
DG  C2    N2     sing N N 110 
DG  C2    N3     doub N N 111 
DG  N2    H21    sing N N 112 
DG  N2    H22    sing N N 113 
DG  N3    C4     sing N N 114 
G   OP3   P      sing N N 115 
G   OP3   HOP3   sing N N 116 
G   P     OP1    doub N N 117 
G   P     OP2    sing N N 118 
G   P     "O5'"  sing N N 119 
G   OP2   HOP2   sing N N 120 
G   "O5'" "C5'"  sing N N 121 
G   "C5'" "C4'"  sing N N 122 
G   "C5'" "H5'"  sing N N 123 
G   "C5'" "H5''" sing N N 124 
G   "C4'" "O4'"  sing N N 125 
G   "C4'" "C3'"  sing N N 126 
G   "C4'" "H4'"  sing N N 127 
G   "O4'" "C1'"  sing N N 128 
G   "C3'" "O3'"  sing N N 129 
G   "C3'" "C2'"  sing N N 130 
G   "C3'" "H3'"  sing N N 131 
G   "O3'" "HO3'" sing N N 132 
G   "C2'" "O2'"  sing N N 133 
G   "C2'" "C1'"  sing N N 134 
G   "C2'" "H2'"  sing N N 135 
G   "O2'" "HO2'" sing N N 136 
G   "C1'" N9     sing N N 137 
G   "C1'" "H1'"  sing N N 138 
G   N9    C8     sing Y N 139 
G   N9    C4     sing Y N 140 
G   C8    N7     doub Y N 141 
G   C8    H8     sing N N 142 
G   N7    C5     sing Y N 143 
G   C5    C6     sing N N 144 
G   C5    C4     doub Y N 145 
G   C6    O6     doub N N 146 
G   C6    N1     sing N N 147 
G   N1    C2     sing N N 148 
G   N1    H1     sing N N 149 
G   C2    N2     sing N N 150 
G   C2    N3     doub N N 151 
G   N2    H21    sing N N 152 
G   N2    H22    sing N N 153 
G   N3    C4     sing N N 154 
HOH O     H1     sing N N 155 
HOH O     H2     sing N N 156 
U   OP3   P      sing N N 157 
U   OP3   HOP3   sing N N 158 
U   P     OP1    doub N N 159 
U   P     OP2    sing N N 160 
U   P     "O5'"  sing N N 161 
U   OP2   HOP2   sing N N 162 
U   "O5'" "C5'"  sing N N 163 
U   "C5'" "C4'"  sing N N 164 
U   "C5'" "H5'"  sing N N 165 
U   "C5'" "H5''" sing N N 166 
U   "C4'" "O4'"  sing N N 167 
U   "C4'" "C3'"  sing N N 168 
U   "C4'" "H4'"  sing N N 169 
U   "O4'" "C1'"  sing N N 170 
U   "C3'" "O3'"  sing N N 171 
U   "C3'" "C2'"  sing N N 172 
U   "C3'" "H3'"  sing N N 173 
U   "O3'" "HO3'" sing N N 174 
U   "C2'" "O2'"  sing N N 175 
U   "C2'" "C1'"  sing N N 176 
U   "C2'" "H2'"  sing N N 177 
U   "O2'" "HO2'" sing N N 178 
U   "C1'" N1     sing N N 179 
U   "C1'" "H1'"  sing N N 180 
U   N1    C2     sing N N 181 
U   N1    C6     sing N N 182 
U   C2    O2     doub N N 183 
U   C2    N3     sing N N 184 
U   N3    C4     sing N N 185 
U   N3    H3     sing N N 186 
U   C4    O4     doub N N 187 
U   C4    C5     sing N N 188 
U   C5    C6     doub N N 189 
U   C5    H5     sing N N 190 
U   C6    H6     sing N N 191 
# 
_ndb_struct_conf_na.entry_id   377D 
_ndb_struct_conf_na.feature    'a-form double helix' 
# 
loop_
_ndb_struct_na_base_pair.model_number 
_ndb_struct_na_base_pair.i_label_asym_id 
_ndb_struct_na_base_pair.i_label_comp_id 
_ndb_struct_na_base_pair.i_label_seq_id 
_ndb_struct_na_base_pair.i_symmetry 
_ndb_struct_na_base_pair.j_label_asym_id 
_ndb_struct_na_base_pair.j_label_comp_id 
_ndb_struct_na_base_pair.j_label_seq_id 
_ndb_struct_na_base_pair.j_symmetry 
_ndb_struct_na_base_pair.shear 
_ndb_struct_na_base_pair.stretch 
_ndb_struct_na_base_pair.stagger 
_ndb_struct_na_base_pair.buckle 
_ndb_struct_na_base_pair.propeller 
_ndb_struct_na_base_pair.opening 
_ndb_struct_na_base_pair.pair_number 
_ndb_struct_na_base_pair.pair_name 
_ndb_struct_na_base_pair.i_auth_asym_id 
_ndb_struct_na_base_pair.i_auth_seq_id 
_ndb_struct_na_base_pair.i_PDB_ins_code 
_ndb_struct_na_base_pair.j_auth_asym_id 
_ndb_struct_na_base_pair.j_auth_seq_id 
_ndb_struct_na_base_pair.j_PDB_ins_code 
_ndb_struct_na_base_pair.hbond_type_28 
_ndb_struct_na_base_pair.hbond_type_12 
1 A C  1 1_555 B DG 6 1_555 0.261  -0.443 0.122  -0.883 -8.412  -3.167 1  A_C1:DG12_B  A 1  ? B 12 ? 19 1 
1 A G  2 1_555 B C  5 1_555 -0.393 0.048  0.247  -3.361 -17.234 3.625  2  A_G2:C11_B   A 2  ? B 11 ? 19 1 
1 A U  3 1_555 B A  4 1_555 -0.266 -0.262 -0.045 -0.213 -16.852 -2.309 3  A_U3:A10_B   A 3  ? B 10 ? 20 1 
1 A A  4 1_555 B U  3 1_555 -0.079 -0.079 -0.003 -4.358 -10.099 -1.307 4  A_A4:U9_B    A 4  ? B 9  ? 20 1 
1 A C  5 1_555 B G  2 1_555 0.262  -0.278 0.034  4.586  -18.086 0.281  5  A_C5:G8_B    A 5  ? B 8  ? 19 1 
1 A DG 6 1_555 B C  1 1_555 0.051  -0.433 0.172  -4.074 -10.631 -1.318 6  A_DG6:C7_B   A 6  ? B 7  ? 19 1 
1 C C  1 1_555 D DG 6 1_555 0.128  -0.330 -0.407 9.758  -15.310 -3.735 7  C_C13:DG24_D C 13 ? D 24 ? 19 1 
1 C G  2 1_555 D C  5 1_555 -0.346 -0.356 0.277  0.457  -18.797 4.773  8  C_G14:C23_D  C 14 ? D 23 ? 19 1 
1 C U  3 1_555 D A  4 1_555 0.141  -0.059 0.123  1.335  -14.962 3.402  9  C_U15:A22_D  C 15 ? D 22 ? 20 1 
1 C A  4 1_555 D U  3 1_555 0.235  -0.085 0.015  -2.625 -17.283 1.898  10 C_A16:U21_D  C 16 ? D 21 ? 20 1 
1 C C  5 1_555 D G  2 1_555 0.334  -0.156 0.097  4.403  -16.263 4.907  11 C_C17:G20_D  C 17 ? D 20 ? 19 1 
1 C DG 6 1_555 D C  1 1_555 0.531  -0.271 0.033  -7.514 -18.693 -1.880 12 C_DG18:C19_D C 18 ? D 19 ? 19 1 
# 
loop_
_ndb_struct_na_base_pair_step.model_number 
_ndb_struct_na_base_pair_step.i_label_asym_id_1 
_ndb_struct_na_base_pair_step.i_label_comp_id_1 
_ndb_struct_na_base_pair_step.i_label_seq_id_1 
_ndb_struct_na_base_pair_step.i_symmetry_1 
_ndb_struct_na_base_pair_step.j_label_asym_id_1 
_ndb_struct_na_base_pair_step.j_label_comp_id_1 
_ndb_struct_na_base_pair_step.j_label_seq_id_1 
_ndb_struct_na_base_pair_step.j_symmetry_1 
_ndb_struct_na_base_pair_step.i_label_asym_id_2 
_ndb_struct_na_base_pair_step.i_label_comp_id_2 
_ndb_struct_na_base_pair_step.i_label_seq_id_2 
_ndb_struct_na_base_pair_step.i_symmetry_2 
_ndb_struct_na_base_pair_step.j_label_asym_id_2 
_ndb_struct_na_base_pair_step.j_label_comp_id_2 
_ndb_struct_na_base_pair_step.j_label_seq_id_2 
_ndb_struct_na_base_pair_step.j_symmetry_2 
_ndb_struct_na_base_pair_step.shift 
_ndb_struct_na_base_pair_step.slide 
_ndb_struct_na_base_pair_step.rise 
_ndb_struct_na_base_pair_step.tilt 
_ndb_struct_na_base_pair_step.roll 
_ndb_struct_na_base_pair_step.twist 
_ndb_struct_na_base_pair_step.x_displacement 
_ndb_struct_na_base_pair_step.y_displacement 
_ndb_struct_na_base_pair_step.helical_rise 
_ndb_struct_na_base_pair_step.inclination 
_ndb_struct_na_base_pair_step.tip 
_ndb_struct_na_base_pair_step.helical_twist 
_ndb_struct_na_base_pair_step.step_number 
_ndb_struct_na_base_pair_step.step_name 
_ndb_struct_na_base_pair_step.i_auth_asym_id_1 
_ndb_struct_na_base_pair_step.i_auth_seq_id_1 
_ndb_struct_na_base_pair_step.i_PDB_ins_code_1 
_ndb_struct_na_base_pair_step.j_auth_asym_id_1 
_ndb_struct_na_base_pair_step.j_auth_seq_id_1 
_ndb_struct_na_base_pair_step.j_PDB_ins_code_1 
_ndb_struct_na_base_pair_step.i_auth_asym_id_2 
_ndb_struct_na_base_pair_step.i_auth_seq_id_2 
_ndb_struct_na_base_pair_step.i_PDB_ins_code_2 
_ndb_struct_na_base_pair_step.j_auth_asym_id_2 
_ndb_struct_na_base_pair_step.j_auth_seq_id_2 
_ndb_struct_na_base_pair_step.j_PDB_ins_code_2 
1 A C 1 1_555 B DG 6 1_555 A G  2 1_555 B C 5 1_555 -0.263 -1.552 3.152 -2.200 17.782 31.656 -4.617 0.160  2.037 29.801 3.686  
36.262 1  AA_C1G2:C11DG12_BB   A 1  ? B 12 ? A 2  ? B 11 ? 
1 A G 2 1_555 B C  5 1_555 A U  3 1_555 B A 4 1_555 -0.373 -1.222 3.158 1.156  10.235 32.572 -3.560 0.802  2.650 17.705 -2.000 
34.120 2  AA_G2U3:A10C11_BB    A 2  ? B 11 ? A 3  ? B 10 ? 
1 A U 3 1_555 B A  4 1_555 A A  4 1_555 B U 3 1_555 0.203  -1.457 3.335 0.185  17.417 31.277 -4.680 -0.307 2.241 29.606 -0.315 
35.694 3  AA_U3A4:U9A10_BB     A 3  ? B 10 ? A 4  ? B 9  ? 
1 A A 4 1_555 B U  3 1_555 A C  5 1_555 B G 2 1_555 0.549  -1.066 3.111 1.601  8.943  33.012 -3.102 -0.703 2.760 15.378 -2.753 
34.206 4  AA_A4C5:G8U9_BB      A 4  ? B 9  ? A 5  ? B 8  ? 
1 A C 5 1_555 B G  2 1_555 A DG 6 1_555 B C 1 1_555 0.255  -1.397 3.365 2.070  14.986 33.600 -4.152 -0.137 2.546 24.444 -3.376 
36.759 5  AA_C5DG6:C7G8_BB     A 5  ? B 8  ? A 6  ? B 7  ? 
1 C C 1 1_555 D DG 6 1_555 C G  2 1_555 D C 5 1_555 0.358  -1.344 3.400 -4.030 18.419 34.271 -4.111 -0.995 2.351 28.724 6.284  
38.979 6  CC_C13G14:C23DG24_DD C 13 ? D 24 ? C 14 ? D 23 ? 
1 C G 2 1_555 D C  5 1_555 C U  3 1_555 D A 4 1_555 -0.428 -0.976 3.265 -0.119 11.097 33.922 -3.133 0.683  2.819 18.417 0.197  
35.641 7  CC_G14U15:A22C23_DD  C 14 ? D 23 ? C 15 ? D 22 ? 
1 C U 3 1_555 D A  4 1_555 C A  4 1_555 D U 3 1_555 -0.341 -1.277 3.268 0.464  16.449 31.051 -4.368 0.630  2.316 28.367 -0.801 
35.047 8  CC_U15A16:U21A22_DD  C 15 ? D 22 ? C 16 ? D 21 ? 
1 C A 4 1_555 D U  3 1_555 C C  5 1_555 D G 2 1_555 0.707  -1.076 3.102 1.962  11.183 33.559 -3.262 -0.903 2.656 18.715 -3.283 
35.376 9  CC_A16C17:G20U21_DD  C 16 ? D 21 ? C 17 ? D 20 ? 
1 C C 5 1_555 D G  2 1_555 C DG 6 1_555 D C 1 1_555 -0.068 -1.343 3.370 3.970  18.300 34.709 -4.041 0.544  2.377 28.275 -6.134 
39.301 10 CC_C17DG18:C19G20_DD C 17 ? D 20 ? C 18 ? D 19 ? 
# 
_atom_sites.entry_id                    377D 
_atom_sites.fract_transf_matrix[1][1]   -0.00938920 
_atom_sites.fract_transf_matrix[1][2]   -0.00895732 
_atom_sites.fract_transf_matrix[1][3]   0.03127906 
_atom_sites.fract_transf_matrix[2][1]   -0.01682451 
_atom_sites.fract_transf_matrix[2][2]   0.01479016 
_atom_sites.fract_transf_matrix[2][3]   -0.00081488 
_atom_sites.fract_transf_matrix[3][1]   -0.00636893 
_atom_sites.fract_transf_matrix[3][2]   -0.00746812 
_atom_sites.fract_transf_matrix[3][3]   -0.00405042 
_atom_sites.fract_transf_vector[1]      0.465022 
_atom_sites.fract_transf_vector[2]      0.334198 
_atom_sites.fract_transf_vector[3]      0.621231 
# 
loop_
_atom_type.symbol 
C 
N 
O 
P 
# 
loop_
_atom_site.group_PDB 
_atom_site.id 
_atom_site.type_symbol 
_atom_site.label_atom_id 
_atom_site.label_alt_id 
_atom_site.label_comp_id 
_atom_site.label_asym_id 
_atom_site.label_entity_id 
_atom_site.label_seq_id 
_atom_site.pdbx_PDB_ins_code 
_atom_site.Cartn_x 
_atom_site.Cartn_y 
_atom_site.Cartn_z 
_atom_site.occupancy 
_atom_site.B_iso_or_equiv 
_atom_site.pdbx_formal_charge 
_atom_site.auth_seq_id 
_atom_site.auth_comp_id 
_atom_site.auth_asym_id 
_atom_site.auth_atom_id 
_atom_site.pdbx_PDB_model_num 
ATOM   1   O "O5'" . C   A 1 1 ? 20.799  19.471  -9.333  1.00 38.28  ? 1   C   A "O5'" 1 
ATOM   2   C "C5'" . C   A 1 1 ? 20.716  20.421  -10.409 1.00 38.44  ? 1   C   A "C5'" 1 
ATOM   3   C "C4'" . C   A 1 1 ? 21.016  21.837  -9.963  1.00 38.58  ? 1   C   A "C4'" 1 
ATOM   4   O "O4'" . C   A 1 1 ? 20.067  22.233  -8.941  1.00 37.17  ? 1   C   A "O4'" 1 
ATOM   5   C "C3'" . C   A 1 1 ? 22.377  22.031  -9.310  1.00 37.97  ? 1   C   A "C3'" 1 
ATOM   6   O "O3'" . C   A 1 1 ? 23.370  22.274  -10.294 1.00 38.71  ? 1   C   A "O3'" 1 
ATOM   7   C "C2'" . C   A 1 1 ? 22.137  23.250  -8.437  1.00 37.21  ? 1   C   A "C2'" 1 
ATOM   8   O "O2'" . C   A 1 1 ? 22.108  24.452  -9.174  1.00 40.72  ? 1   C   A "O2'" 1 
ATOM   9   C "C1'" . C   A 1 1 ? 20.731  22.957  -7.921  1.00 35.85  ? 1   C   A "C1'" 1 
ATOM   10  N N1    . C   A 1 1 ? 20.738  22.133  -6.705  1.00 32.64  ? 1   C   A N1    1 
ATOM   11  C C2    . C   A 1 1 ? 21.102  22.725  -5.508  1.00 29.81  ? 1   C   A C2    1 
ATOM   12  O O2    . C   A 1 1 ? 21.440  23.913  -5.512  1.00 34.94  ? 1   C   A O2    1 
ATOM   13  N N3    . C   A 1 1 ? 21.083  21.994  -4.379  1.00 27.45  ? 1   C   A N3    1 
ATOM   14  C C4    . C   A 1 1 ? 20.714  20.719  -4.421  1.00 25.33  ? 1   C   A C4    1 
ATOM   15  N N4    . C   A 1 1 ? 20.683  20.045  -3.272  1.00 28.29  ? 1   C   A N4    1 
ATOM   16  C C5    . C   A 1 1 ? 20.358  20.079  -5.634  1.00 26.04  ? 1   C   A C5    1 
ATOM   17  C C6    . C   A 1 1 ? 20.380  20.816  -6.743  1.00 30.21  ? 1   C   A C6    1 
ATOM   18  P P     . G   A 1 2 ? 24.867  21.767  -10.048 1.00 38.59  ? 2   G   A P     1 
ATOM   19  O OP1   . G   A 1 2 ? 25.625  21.968  -11.310 1.00 41.45  ? 2   G   A OP1   1 
ATOM   20  O OP2   . G   A 1 2 ? 24.814  20.413  -9.416  1.00 37.80  ? 2   G   A OP2   1 
ATOM   21  O "O5'" . G   A 1 2 ? 25.438  22.804  -8.983  1.00 37.43  ? 2   G   A "O5'" 1 
ATOM   22  C "C5'" . G   A 1 2 ? 25.865  24.104  -9.387  1.00 30.51  ? 2   G   A "C5'" 1 
ATOM   23  C "C4'" . G   A 1 2 ? 26.463  24.814  -8.211  1.00 28.53  ? 2   G   A "C4'" 1 
ATOM   24  O "O4'" . G   A 1 2 ? 25.431  24.941  -7.196  1.00 28.99  ? 2   G   A "O4'" 1 
ATOM   25  C "C3'" . G   A 1 2 ? 27.566  24.036  -7.510  1.00 27.94  ? 2   G   A "C3'" 1 
ATOM   26  O "O3'" . G   A 1 2 ? 28.821  24.220  -8.152  1.00 26.53  ? 2   G   A "O3'" 1 
ATOM   27  C "C2'" . G   A 1 2 ? 27.510  24.618  -6.105  1.00 26.22  ? 2   G   A "C2'" 1 
ATOM   28  O "O2'" . G   A 1 2 ? 28.134  25.887  -6.034  1.00 25.07  ? 2   G   A "O2'" 1 
ATOM   29  C "C1'" . G   A 1 2 ? 25.996  24.742  -5.907  1.00 25.85  ? 2   G   A "C1'" 1 
ATOM   30  N N9    . G   A 1 2 ? 25.396  23.534  -5.345  1.00 23.14  ? 2   G   A N9    1 
ATOM   31  C C8    . G   A 1 2 ? 24.743  22.532  -6.027  1.00 20.21  ? 2   G   A C8    1 
ATOM   32  N N7    . G   A 1 2 ? 24.333  21.568  -5.249  1.00 20.93  ? 2   G   A N7    1 
ATOM   33  C C5    . G   A 1 2 ? 24.736  21.960  -3.976  1.00 21.41  ? 2   G   A C5    1 
ATOM   34  C C6    . G   A 1 2 ? 24.596  21.315  -2.707  1.00 21.18  ? 2   G   A C6    1 
ATOM   35  O O6    . G   A 1 2 ? 24.085  20.222  -2.443  1.00 21.39  ? 2   G   A O6    1 
ATOM   36  N N1    . G   A 1 2 ? 25.155  22.075  -1.681  1.00 20.05  ? 2   G   A N1    1 
ATOM   37  C C2    . G   A 1 2 ? 25.782  23.278  -1.846  1.00 21.05  ? 2   G   A C2    1 
ATOM   38  N N2    . G   A 1 2 ? 26.278  23.849  -0.735  1.00 21.72  ? 2   G   A N2    1 
ATOM   39  N N3    . G   A 1 2 ? 25.925  23.884  -3.010  1.00 24.06  ? 2   G   A N3    1 
ATOM   40  C C4    . G   A 1 2 ? 25.385  23.175  -4.024  1.00 21.43  ? 2   G   A C4    1 
ATOM   41  P P     . U   A 1 3 ? 29.910  23.038  -8.135  1.00 26.69  ? 3   U   A P     1 
ATOM   42  O OP1   . U   A 1 3 ? 31.020  23.428  -9.035  1.00 29.15  ? 3   U   A OP1   1 
ATOM   43  O OP2   . U   A 1 3 ? 29.227  21.740  -8.350  1.00 27.47  ? 3   U   A OP2   1 
ATOM   44  O "O5'" . U   A 1 3 ? 30.441  23.038  -6.630  1.00 25.02  ? 3   U   A "O5'" 1 
ATOM   45  C "C5'" . U   A 1 3 ? 31.115  24.170  -6.077  1.00 17.64  ? 3   U   A "C5'" 1 
ATOM   46  C "C4'" . U   A 1 3 ? 31.407  23.928  -4.623  1.00 18.80  ? 3   U   A "C4'" 1 
ATOM   47  O "O4'" . U   A 1 3 ? 30.171  23.928  -3.870  1.00 21.83  ? 3   U   A "O4'" 1 
ATOM   48  C "C3'" . U   A 1 3 ? 31.977  22.573  -4.290  1.00 20.16  ? 3   U   A "C3'" 1 
ATOM   49  O "O3'" . U   A 1 3 ? 33.348  22.473  -4.622  1.00 24.18  ? 3   U   A "O3'" 1 
ATOM   50  C "C2'" . U   A 1 3 ? 31.703  22.495  -2.795  1.00 20.93  ? 3   U   A "C2'" 1 
ATOM   51  O "O2'" . U   A 1 3 ? 32.546  23.326  -2.034  1.00 19.93  ? 3   U   A "O2'" 1 
ATOM   52  C "C1'" . U   A 1 3 ? 30.288  23.057  -2.746  1.00 20.50  ? 3   U   A "C1'" 1 
ATOM   53  N N1    . U   A 1 3 ? 29.303  21.977  -2.876  1.00 20.82  ? 3   U   A N1    1 
ATOM   54  C C2    . U   A 1 3 ? 28.898  21.345  -1.721  1.00 18.71  ? 3   U   A C2    1 
ATOM   55  O O2    . U   A 1 3 ? 29.307  21.661  -0.628  1.00 18.93  ? 3   U   A O2    1 
ATOM   56  N N3    . U   A 1 3 ? 28.002  20.326  -1.900  1.00 19.61  ? 3   U   A N3    1 
ATOM   57  C C4    . U   A 1 3 ? 27.476  19.882  -3.102  1.00 21.33  ? 3   U   A C4    1 
ATOM   58  O O4    . U   A 1 3 ? 26.600  19.005  -3.102  1.00 20.14  ? 3   U   A O4    1 
ATOM   59  C C5    . U   A 1 3 ? 27.949  20.591  -4.253  1.00 20.07  ? 3   U   A C5    1 
ATOM   60  C C6    . U   A 1 3 ? 28.815  21.592  -4.103  1.00 19.22  ? 3   U   A C6    1 
ATOM   61  P P     . A   A 1 4 ? 33.992  21.029  -4.896  1.00 26.97  ? 4   A   A P     1 
ATOM   62  O OP1   . A   A 1 4 ? 35.417  21.233  -5.237  1.00 28.63  ? 4   A   A OP1   1 
ATOM   63  O OP2   . A   A 1 4 ? 33.106  20.312  -5.861  1.00 27.69  ? 4   A   A OP2   1 
ATOM   64  O "O5'" . A   A 1 4 ? 33.901  20.319  -3.474  1.00 23.42  ? 4   A   A "O5'" 1 
ATOM   65  C "C5'" . A   A 1 4 ? 34.794  20.684  -2.413  1.00 22.27  ? 4   A   A "C5'" 1 
ATOM   66  C "C4'" . A   A 1 4 ? 34.585  19.774  -1.236  1.00 21.79  ? 4   A   A "C4'" 1 
ATOM   67  O "O4'" . A   A 1 4 ? 33.214  19.907  -0.803  1.00 22.02  ? 4   A   A "O4'" 1 
ATOM   68  C "C3'" . A   A 1 4 ? 34.722  18.288  -1.528  1.00 23.82  ? 4   A   A "C3'" 1 
ATOM   69  O "O3'" . A   A 1 4 ? 36.079  17.863  -1.494  1.00 25.25  ? 4   A   A "O3'" 1 
ATOM   70  C "C2'" . A   A 1 4 ? 33.900  17.667  -0.408  1.00 21.15  ? 4   A   A "C2'" 1 
ATOM   71  O "O2'" . A   A 1 4 ? 34.560  17.604  0.842   1.00 19.86  ? 4   A   A "O2'" 1 
ATOM   72  C "C1'" . A   A 1 4 ? 32.750  18.659  -0.317  1.00 20.64  ? 4   A   A "C1'" 1 
ATOM   73  N N9    . A   A 1 4 ? 31.638  18.232  -1.144  1.00 16.22  ? 4   A   A N9    1 
ATOM   74  C C8    . A   A 1 4 ? 31.291  18.579  -2.424  1.00 13.89  ? 4   A   A C8    1 
ATOM   75  N N7    . A   A 1 4 ? 30.199  17.984  -2.844  1.00 13.59  ? 4   A   A N7    1 
ATOM   76  C C5    . A   A 1 4 ? 29.812  17.194  -1.767  1.00 13.80  ? 4   A   A C5    1 
ATOM   77  C C6    . A   A 1 4 ? 28.739  16.310  -1.562  1.00 16.14  ? 4   A   A C6    1 
ATOM   78  N N6    . A   A 1 4 ? 27.800  16.074  -2.469  1.00 17.37  ? 4   A   A N6    1 
ATOM   79  N N1    . A   A 1 4 ? 28.655  15.676  -0.368  1.00 16.44  ? 4   A   A N1    1 
ATOM   80  C C2    . A   A 1 4 ? 29.590  15.932  0.552   1.00 13.15  ? 4   A   A C2    1 
ATOM   81  N N3    . A   A 1 4 ? 30.637  16.741  0.479   1.00 15.13  ? 4   A   A N3    1 
ATOM   82  C C4    . A   A 1 4 ? 30.693  17.343  -0.723  1.00 12.83  ? 4   A   A C4    1 
ATOM   83  P P     . C   A 1 5 ? 36.573  16.724  -2.501  1.00 25.03  ? 5   C   A P     1 
ATOM   84  O OP1   . C   A 1 5 ? 38.049  16.652  -2.450  1.00 29.26  ? 5   C   A OP1   1 
ATOM   85  O OP2   . C   A 1 5 ? 35.883  16.946  -3.796  1.00 22.65  ? 5   C   A OP2   1 
ATOM   86  O "O5'" . C   A 1 5 ? 36.027  15.391  -1.853  1.00 24.65  ? 5   C   A "O5'" 1 
ATOM   87  C "C5'" . C   A 1 5 ? 36.525  14.966  -0.605  1.00 23.91  ? 5   C   A "C5'" 1 
ATOM   88  C "C4'" . C   A 1 5 ? 35.585  13.972  -0.004  1.00 23.05  ? 5   C   A "C4'" 1 
ATOM   89  O "O4'" . C   A 1 5 ? 34.261  14.561  0.072   1.00 21.58  ? 5   C   A "O4'" 1 
ATOM   90  C "C3'" . C   A 1 5 ? 35.325  12.742  -0.840  1.00 24.05  ? 5   C   A "C3'" 1 
ATOM   91  O "O3'" . C   A 1 5 ? 36.380  11.809  -0.706  1.00 27.15  ? 5   C   A "O3'" 1 
ATOM   92  C "C2'" . C   A 1 5 ? 34.073  12.232  -0.162  1.00 22.72  ? 5   C   A "C2'" 1 
ATOM   93  O "O2'" . C   A 1 5 ? 34.398  11.730  1.111   1.00 24.20  ? 5   C   A "O2'" 1 
ATOM   94  C "C1'" . C   A 1 5 ? 33.289  13.535  0.007   1.00 20.76  ? 5   C   A "C1'" 1 
ATOM   95  N N1    . C   A 1 5 ? 32.412  13.779  -1.146  1.00 18.83  ? 5   C   A N1    1 
ATOM   96  C C2    . C   A 1 5 ? 31.143  13.203  -1.149  1.00 18.20  ? 5   C   A C2    1 
ATOM   97  O O2    . C   A 1 5 ? 30.786  12.547  -0.163  1.00 19.88  ? 5   C   A O2    1 
ATOM   98  N N3    . C   A 1 5 ? 30.342  13.372  -2.213  1.00 16.91  ? 5   C   A N3    1 
ATOM   99  C C4    . C   A 1 5 ? 30.763  14.091  -3.252  1.00 16.00  ? 5   C   A C4    1 
ATOM   100 N N4    . C   A 1 5 ? 29.939  14.217  -4.280  1.00 18.76  ? 5   C   A N4    1 
ATOM   101 C C5    . C   A 1 5 ? 32.048  14.710  -3.271  1.00 17.61  ? 5   C   A C5    1 
ATOM   102 C C6    . C   A 1 5 ? 32.832  14.531  -2.206  1.00 16.94  ? 5   C   A C6    1 
ATOM   103 P P     . DG  A 1 6 ? 36.677  10.768  -1.890  1.00 25.23  ? 6   DG  A P     1 
ATOM   104 O OP1   . DG  A 1 6 ? 37.984  10.154  -1.559  1.00 27.40  ? 6   DG  A OP1   1 
ATOM   105 O OP2   . DG  A 1 6 ? 36.516  11.489  -3.168  1.00 29.67  ? 6   DG  A OP2   1 
ATOM   106 O "O5'" . DG  A 1 6 ? 35.512  9.695   -1.742  1.00 22.13  ? 6   DG  A "O5'" 1 
ATOM   107 C "C5'" . DG  A 1 6 ? 35.287  9.066   -0.477  1.00 22.09  ? 6   DG  A "C5'" 1 
ATOM   108 C "C4'" . DG  A 1 6 ? 34.099  8.141   -0.550  1.00 22.54  ? 6   DG  A "C4'" 1 
ATOM   109 O "O4'" . DG  A 1 6 ? 32.940  8.957   -0.807  1.00 25.24  ? 6   DG  A "O4'" 1 
ATOM   110 C "C3'" . DG  A 1 6 ? 34.177  7.126   -1.689  1.00 25.47  ? 6   DG  A "C3'" 1 
ATOM   111 O "O3'" . DG  A 1 6 ? 34.856  5.882   -1.533  1.00 28.11  ? 6   DG  A "O3'" 1 
ATOM   112 C "C2'" . DG  A 1 6 ? 32.840  7.199   -2.400  1.00 24.74  ? 6   DG  A "C2'" 1 
ATOM   113 C "C1'" . DG  A 1 6 ? 32.059  8.323   -1.723  1.00 23.02  ? 6   DG  A "C1'" 1 
ATOM   114 N N9    . DG  A 1 6 ? 31.719  9.307   -2.738  1.00 19.42  ? 6   DG  A N9    1 
ATOM   115 C C8    . DG  A 1 6 ? 32.510  10.335  -3.202  1.00 16.05  ? 6   DG  A C8    1 
ATOM   116 N N7    . DG  A 1 6 ? 31.955  11.012  -4.171  1.00 15.25  ? 6   DG  A N7    1 
ATOM   117 C C5    . DG  A 1 6 ? 30.717  10.413  -4.338  1.00 16.96  ? 6   DG  A C5    1 
ATOM   118 C C6    . DG  A 1 6 ? 29.658  10.719  -5.228  1.00 19.41  ? 6   DG  A C6    1 
ATOM   119 O O6    . DG  A 1 6 ? 29.585  11.623  -6.057  1.00 21.08  ? 6   DG  A O6    1 
ATOM   120 N N1    . DG  A 1 6 ? 28.588  9.837   -5.077  1.00 20.93  ? 6   DG  A N1    1 
ATOM   121 C C2    . DG  A 1 6 ? 28.532  8.809   -4.175  1.00 20.04  ? 6   DG  A C2    1 
ATOM   122 N N2    . DG  A 1 6 ? 27.418  8.063   -4.201  1.00 20.20  ? 6   DG  A N2    1 
ATOM   123 N N3    . DG  A 1 6 ? 29.501  8.524   -3.317  1.00 21.05  ? 6   DG  A N3    1 
ATOM   124 C C4    . DG  A 1 6 ? 30.557  9.359   -3.457  1.00 19.16  ? 6   DG  A C4    1 
ATOM   125 O "O5'" . C   B 1 1 ? 20.799  11.258  -8.604  1.00 33.37  ? 7   C   B "O5'" 1 
ATOM   126 C "C5'" . C   B 1 1 ? 20.157  9.980   -8.553  1.00 29.47  ? 7   C   B "C5'" 1 
ATOM   127 C "C4'" . C   B 1 1 ? 20.925  9.011   -7.693  1.00 28.44  ? 7   C   B "C4'" 1 
ATOM   128 O "O4'" . C   B 1 1 ? 22.287  8.910   -8.190  1.00 30.26  ? 7   C   B "O4'" 1 
ATOM   129 C "C3'" . C   B 1 1 ? 21.132  9.424   -6.248  1.00 27.36  ? 7   C   B "C3'" 1 
ATOM   130 O "O3'" . C   B 1 1 ? 19.996  9.136   -5.457  1.00 26.62  ? 7   C   B "O3'" 1 
ATOM   131 C "C2'" . C   B 1 1 ? 22.330  8.573   -5.845  1.00 25.24  ? 7   C   B "C2'" 1 
ATOM   132 O "O2'" . C   B 1 1 ? 21.986  7.223   -5.611  1.00 23.32  ? 7   C   B "O2'" 1 
ATOM   133 C "C1'" . C   B 1 1 ? 23.169  8.627   -7.116  1.00 25.94  ? 7   C   B "C1'" 1 
ATOM   134 N N1    . C   B 1 1 ? 24.238  9.639   -7.108  1.00 24.63  ? 7   C   B N1    1 
ATOM   135 C C2    . C   B 1 1 ? 25.378  9.378   -6.370  1.00 22.04  ? 7   C   B C2    1 
ATOM   136 O O2    . C   B 1 1 ? 25.431  8.338   -5.710  1.00 21.43  ? 7   C   B O2    1 
ATOM   137 N N3    . C   B 1 1 ? 26.398  10.265  -6.390  1.00 22.08  ? 7   C   B N3    1 
ATOM   138 C C4    . C   B 1 1 ? 26.287  11.389  -7.098  1.00 21.80  ? 7   C   B C4    1 
ATOM   139 N N4    . C   B 1 1 ? 27.317  12.241  -7.088  1.00 20.94  ? 7   C   B N4    1 
ATOM   140 C C5    . C   B 1 1 ? 25.119  11.693  -7.848  1.00 24.64  ? 7   C   B C5    1 
ATOM   141 C C6    . C   B 1 1 ? 24.124  10.797  -7.824  1.00 25.79  ? 7   C   B C6    1 
ATOM   142 P P     . G   B 1 2 ? 19.699  10.043  -4.176  1.00 25.52  ? 8   G   B P     1 
ATOM   143 O OP1   . G   B 1 2 ? 18.376  9.675   -3.623  1.00 30.36  ? 8   G   B OP1   1 
ATOM   144 O OP2   . G   B 1 2 ? 19.983  11.443  -4.573  1.00 26.56  ? 8   G   B OP2   1 
ATOM   145 O "O5'" . G   B 1 2 ? 20.795  9.598   -3.127  1.00 23.64  ? 8   G   B "O5'" 1 
ATOM   146 C "C5'" . G   B 1 2 ? 20.686  8.343   -2.485  1.00 22.31  ? 8   G   B "C5'" 1 
ATOM   147 C "C4'" . G   B 1 2 ? 21.891  8.104   -1.629  1.00 21.24  ? 8   G   B "C4'" 1 
ATOM   148 O "O4'" . G   B 1 2 ? 23.075  8.122   -2.470  1.00 18.97  ? 8   G   B "O4'" 1 
ATOM   149 C "C3'" . G   B 1 2 ? 22.159  9.187   -0.592  1.00 21.27  ? 8   G   B "C3'" 1 
ATOM   150 O "O3'" . G   B 1 2 ? 21.389  8.986   0.589   1.00 20.78  ? 8   G   B "O3'" 1 
ATOM   151 C "C2'" . G   B 1 2 ? 23.635  8.973   -0.319  1.00 20.74  ? 8   G   B "C2'" 1 
ATOM   152 O "O2'" . G   B 1 2 ? 23.833  7.852   0.519   1.00 23.65  ? 8   G   B "O2'" 1 
ATOM   153 C "C1'" . G   B 1 2 ? 24.151  8.672   -1.731  1.00 21.17  ? 8   G   B "C1'" 1 
ATOM   154 N N9    . G   B 1 2 ? 24.632  9.865   -2.424  1.00 17.31  ? 8   G   B N9    1 
ATOM   155 C C8    . G   B 1 2 ? 24.010  10.572  -3.416  1.00 18.48  ? 8   G   B C8    1 
ATOM   156 N N7    . G   B 1 2 ? 24.726  11.571  -3.851  1.00 16.03  ? 8   G   B N7    1 
ATOM   157 C C5    . G   B 1 2 ? 25.894  11.508  -3.109  1.00 16.17  ? 8   G   B C5    1 
ATOM   158 C C6    . G   B 1 2 ? 27.067  12.311  -3.155  1.00 16.47  ? 8   G   B C6    1 
ATOM   159 O O6    . G   B 1 2 ? 27.342  13.230  -3.926  1.00 20.43  ? 8   G   B O6    1 
ATOM   160 N N1    . G   B 1 2 ? 27.983  11.934  -2.185  1.00 16.64  ? 8   G   B N1    1 
ATOM   161 C C2    . G   B 1 2 ? 27.814  10.896  -1.305  1.00 16.82  ? 8   G   B C2    1 
ATOM   162 N N2    . G   B 1 2 ? 28.807  10.689  -0.425  1.00 16.33  ? 8   G   B N2    1 
ATOM   163 N N3    . G   B 1 2 ? 26.749  10.117  -1.281  1.00 15.84  ? 8   G   B N3    1 
ATOM   164 C C4    . G   B 1 2 ? 25.836  10.480  -2.202  1.00 15.46  ? 8   G   B C4    1 
ATOM   165 P P     . U   B 1 3 ? 20.708  10.240  1.329   1.00 21.45  ? 9   U   B P     1 
ATOM   166 O OP1   . U   B 1 3 ? 19.658  9.662   2.202   1.00 26.49  ? 9   U   B OP1   1 
ATOM   167 O OP2   . U   B 1 3 ? 20.346  11.290  0.345   1.00 22.06  ? 9   U   B OP2   1 
ATOM   168 O "O5'" . U   B 1 3 ? 21.851  10.830  2.258   1.00 17.81  ? 9   U   B "O5'" 1 
ATOM   169 C "C5'" . U   B 1 3 ? 22.337  10.092  3.378   1.00 15.84  ? 9   U   B "C5'" 1 
ATOM   170 C "C4'" . U   B 1 3 ? 23.589  10.730  3.900   1.00 16.98  ? 9   U   B "C4'" 1 
ATOM   171 O "O4'" . U   B 1 3 ? 24.630  10.621  2.900   1.00 19.42  ? 9   U   B "O4'" 1 
ATOM   172 C "C3'" . U   B 1 3 ? 23.516  12.220  4.158   1.00 18.98  ? 9   U   B "C3'" 1 
ATOM   173 O "O3'" . U   B 1 3 ? 22.910  12.514  5.408   1.00 18.40  ? 9   U   B "O3'" 1 
ATOM   174 C "C2'" . U   B 1 3 ? 24.988  12.596  4.150   1.00 19.82  ? 9   U   B "C2'" 1 
ATOM   175 O "O2'" . U   B 1 3 ? 25.640  12.186  5.332   1.00 20.81  ? 9   U   B "O2'" 1 
ATOM   176 C "C1'" . U   B 1 3 ? 25.488  11.756  2.980   1.00 20.11  ? 9   U   B "C1'" 1 
ATOM   177 N N1    . U   B 1 3 ? 25.415  12.498  1.710   1.00 21.61  ? 9   U   B N1    1 
ATOM   178 C C2    . U   B 1 3 ? 26.507  13.275  1.374   1.00 17.29  ? 9   U   B C2    1 
ATOM   179 O O2    . U   B 1 3 ? 27.492  13.358  2.078   1.00 20.63  ? 9   U   B O2    1 
ATOM   180 N N3    . U   B 1 3 ? 26.402  13.945  0.191   1.00 12.76  ? 9   U   B N3    1 
ATOM   181 C C4    . U   B 1 3 ? 25.350  13.929  -0.670  1.00 13.43  ? 9   U   B C4    1 
ATOM   182 O O4    . U   B 1 3 ? 25.405  14.630  -1.679  1.00 14.87  ? 9   U   B O4    1 
ATOM   183 C C5    . U   B 1 3 ? 24.244  13.097  -0.266  1.00 15.48  ? 9   U   B C5    1 
ATOM   184 C C6    . U   B 1 3 ? 24.313  12.427  0.886   1.00 16.18  ? 9   U   B C6    1 
ATOM   185 P P     . A   B 1 4 ? 22.142  13.907  5.604   1.00 18.74  ? 10  A   B P     1 
ATOM   186 O OP1   . A   B 1 4 ? 21.381  13.845  6.879   1.00 19.75  ? 10  A   B OP1   1 
ATOM   187 O OP2   . A   B 1 4 ? 21.426  14.219  4.335   1.00 17.71  ? 10  A   B OP2   1 
ATOM   188 O "O5'" . A   B 1 4 ? 23.319  14.975  5.761   1.00 20.65  ? 10  A   B "O5'" 1 
ATOM   189 C "C5'" . A   B 1 4 ? 24.234  14.909  6.874   1.00 16.59  ? 10  A   B "C5'" 1 
ATOM   190 C "C4'" . A   B 1 4 ? 25.349  15.891  6.676   1.00 16.39  ? 10  A   B "C4'" 1 
ATOM   191 O "O4'" . A   B 1 4 ? 26.022  15.549  5.446   1.00 17.42  ? 10  A   B "O4'" 1 
ATOM   192 C "C3'" . A   B 1 4 ? 24.932  17.321  6.419   1.00 20.96  ? 10  A   B "C3'" 1 
ATOM   193 O "O3'" . A   B 1 4 ? 24.582  18.000  7.622   1.00 22.23  ? 10  A   B "O3'" 1 
ATOM   194 C "C2'" . A   B 1 4 ? 26.175  17.891  5.740   1.00 19.50  ? 10  A   B "C2'" 1 
ATOM   195 O "O2'" . A   B 1 4 ? 27.235  18.167  6.647   1.00 22.06  ? 10  A   B "O2'" 1 
ATOM   196 C "C1'" . A   B 1 4 ? 26.576  16.710  4.853   1.00 16.06  ? 10  A   B "C1'" 1 
ATOM   197 N N9    . A   B 1 4 ? 26.075  16.804  3.480   1.00 15.34  ? 10  A   B N9    1 
ATOM   198 C C8    . A   B 1 4 ? 24.974  16.175  2.959   1.00 13.00  ? 10  A   B C8    1 
ATOM   199 N N7    . A   B 1 4 ? 24.749  16.460  1.697   1.00 15.53  ? 10  A   B N7    1 
ATOM   200 C C5    . A   B 1 4 ? 25.777  17.330  1.359   1.00 14.97  ? 10  A   B C5    1 
ATOM   201 C C6    . A   B 1 4 ? 26.100  17.994  0.161   1.00 15.64  ? 10  A   B C6    1 
ATOM   202 N N6    . A   B 1 4 ? 25.374  17.882  -0.971  1.00 16.72  ? 10  A   B N6    1 
ATOM   203 N N1    . A   B 1 4 ? 27.196  18.795  0.160   1.00 15.09  ? 10  A   B N1    1 
ATOM   204 C C2    . A   B 1 4 ? 27.910  18.911  1.288   1.00 15.78  ? 10  A   B C2    1 
ATOM   205 N N3    . A   B 1 4 ? 27.706  18.342  2.476   1.00 12.85  ? 10  A   B N3    1 
ATOM   206 C C4    . A   B 1 4 ? 26.608  17.552  2.448   1.00 15.07  ? 10  A   B C4    1 
ATOM   207 P P     . C   B 1 5 ? 23.332  19.020  7.622   1.00 23.79  ? 11  C   B P     1 
ATOM   208 O OP1   . C   B 1 5 ? 22.994  19.258  9.038   1.00 28.31  ? 11  C   B OP1   1 
ATOM   209 O OP2   . C   B 1 5 ? 22.279  18.543  6.680   1.00 22.74  ? 11  C   B OP2   1 
ATOM   210 O "O5'" . C   B 1 5 ? 23.963  20.352  7.026   1.00 23.23  ? 11  C   B "O5'" 1 
ATOM   211 C "C5'" . C   B 1 5 ? 25.109  20.944  7.628   1.00 20.26  ? 11  C   B "C5'" 1 
ATOM   212 C "C4'" . C   B 1 5 ? 25.723  21.912  6.675   1.00 23.36  ? 11  C   B "C4'" 1 
ATOM   213 O "O4'" . C   B 1 5 ? 26.266  21.174  5.557   1.00 23.95  ? 11  C   B "O4'" 1 
ATOM   214 C "C3'" . C   B 1 5 ? 24.735  22.834  5.997   1.00 27.72  ? 11  C   B "C3'" 1 
ATOM   215 O "O3'" . C   B 1 5 ? 24.346  23.925  6.808   1.00 33.13  ? 11  C   B "O3'" 1 
ATOM   216 C "C2'" . C   B 1 5 ? 25.536  23.280  4.786   1.00 26.32  ? 11  C   B "C2'" 1 
ATOM   217 O "O2'" . C   B 1 5 ? 26.543  24.216  5.090   1.00 26.91  ? 11  C   B "O2'" 1 
ATOM   218 C "C1'" . C   B 1 5 ? 26.185  21.963  4.386   1.00 22.51  ? 11  C   B "C1'" 1 
ATOM   219 N N1    . C   B 1 5 ? 25.334  21.276  3.419   1.00 21.19  ? 11  C   B N1    1 
ATOM   220 C C2    . C   B 1 5 ? 25.457  21.625  2.081   1.00 20.19  ? 11  C   B C2    1 
ATOM   221 O O2    . C   B 1 5 ? 26.286  22.486  1.771   1.00 20.61  ? 11  C   B O2    1 
ATOM   222 N N3    . C   B 1 5 ? 24.682  21.028  1.160   1.00 20.00  ? 11  C   B N3    1 
ATOM   223 C C4    . C   B 1 5 ? 23.790  20.116  1.539   1.00 18.31  ? 11  C   B C4    1 
ATOM   224 N N4    . C   B 1 5 ? 23.032  19.570  0.595   1.00 16.62  ? 11  C   B N4    1 
ATOM   225 C C5    . C   B 1 5 ? 23.638  19.727  2.904   1.00 19.28  ? 11  C   B C5    1 
ATOM   226 C C6    . C   B 1 5 ? 24.429  20.331  3.805   1.00 20.05  ? 11  C   B C6    1 
ATOM   227 P P     . DG  B 1 6 ? 22.919  24.614  6.566   1.00 36.51  ? 12  DG  B P     1 
ATOM   228 O OP1   . DG  B 1 6 ? 22.716  25.558  7.692   1.00 38.49  ? 12  DG  B OP1   1 
ATOM   229 O OP2   . DG  B 1 6 ? 21.936  23.517  6.332   1.00 36.75  ? 12  DG  B OP2   1 
ATOM   230 O "O5'" . DG  B 1 6 ? 23.101  25.433  5.213   1.00 34.76  ? 12  DG  B "O5'" 1 
ATOM   231 C "C5'" . DG  B 1 6 ? 24.213  26.329  5.056   1.00 39.83  ? 12  DG  B "C5'" 1 
ATOM   232 C "C4'" . DG  B 1 6 ? 24.176  27.001  3.702   1.00 42.89  ? 12  DG  B "C4'" 1 
ATOM   233 O "O4'" . DG  B 1 6 ? 24.253  25.991  2.662   1.00 41.62  ? 12  DG  B "O4'" 1 
ATOM   234 C "C3'" . DG  B 1 6 ? 22.935  27.850  3.388   1.00 45.07  ? 12  DG  B "C3'" 1 
ATOM   235 O "O3'" . DG  B 1 6 ? 23.260  29.063  2.663   1.00 51.13  ? 12  DG  B "O3'" 1 
ATOM   236 C "C2'" . DG  B 1 6 ? 22.130  26.963  2.460   1.00 41.44  ? 12  DG  B "C2'" 1 
ATOM   237 C "C1'" . DG  B 1 6 ? 23.210  26.181  1.727   1.00 36.84  ? 12  DG  B "C1'" 1 
ATOM   238 N N9    . DG  B 1 6 ? 22.745  24.868  1.311   1.00 28.78  ? 12  DG  B N9    1 
ATOM   239 C C8    . DG  B 1 6 ? 22.418  23.814  2.124   1.00 23.51  ? 12  DG  B C8    1 
ATOM   240 N N7    . DG  B 1 6 ? 21.931  22.803  1.463   1.00 27.23  ? 12  DG  B N7    1 
ATOM   241 C C5    . DG  B 1 6 ? 21.960  23.209  0.134   1.00 24.15  ? 12  DG  B C5    1 
ATOM   242 C C6    . DG  B 1 6 ? 21.553  22.537  -1.042  1.00 25.64  ? 12  DG  B C6    1 
ATOM   243 O O6    . DG  B 1 6 ? 21.047  21.409  -1.154  1.00 27.94  ? 12  DG  B O6    1 
ATOM   244 N N1    . DG  B 1 6 ? 21.777  23.311  -2.175  1.00 24.58  ? 12  DG  B N1    1 
ATOM   245 C C2    . DG  B 1 6 ? 22.317  24.568  -2.175  1.00 23.31  ? 12  DG  B C2    1 
ATOM   246 N N2    . DG  B 1 6 ? 22.431  25.161  -3.372  1.00 27.04  ? 12  DG  B N2    1 
ATOM   247 N N3    . DG  B 1 6 ? 22.706  25.201  -1.088  1.00 25.51  ? 12  DG  B N3    1 
ATOM   248 C C4    . DG  B 1 6 ? 22.493  24.468  0.024   1.00 25.50  ? 12  DG  B C4    1 
ATOM   249 O "O5'" . C   C 1 1 ? -24.782 -8.609  -3.978  1.00 31.09  ? 13  C   C "O5'" 1 
ATOM   250 C "C5'" . C   C 1 1 ? -25.285 -7.991  -5.164  1.00 27.13  ? 13  C   C "C5'" 1 
ATOM   251 C "C4'" . C   C 1 1 ? -25.570 -9.007  -6.242  1.00 24.95  ? 13  C   C "C4'" 1 
ATOM   252 O "O4'" . C   C 1 1 ? -24.391 -9.836  -6.404  1.00 24.32  ? 13  C   C "O4'" 1 
ATOM   253 C "C3'" . C   C 1 1 ? -26.666 -10.021 -5.947  1.00 24.20  ? 13  C   C "C3'" 1 
ATOM   254 O "O3'" . C   C 1 1 ? -27.981 -9.513  -6.182  1.00 21.98  ? 13  C   C "O3'" 1 
ATOM   255 C "C2'" . C   C 1 1 ? -26.308 -11.157 -6.899  1.00 22.87  ? 13  C   C "C2'" 1 
ATOM   256 O "O2'" . C   C 1 1 ? -26.706 -10.882 -8.221  1.00 24.75  ? 13  C   C "O2'" 1 
ATOM   257 C "C1'" . C   C 1 1 ? -24.780 -11.129 -6.828  1.00 21.58  ? 13  C   C "C1'" 1 
ATOM   258 N N1    . C   C 1 1 ? -24.194 -12.117 -5.907  1.00 19.94  ? 13  C   C N1    1 
ATOM   259 C C2    . C   C 1 1 ? -24.100 -13.452 -6.322  1.00 17.45  ? 13  C   C C2    1 
ATOM   260 O O2    . C   C 1 1 ? -24.551 -13.766 -7.429  1.00 17.29  ? 13  C   C O2    1 
ATOM   261 N N3    . C   C 1 1 ? -23.528 -14.361 -5.508  1.00 17.80  ? 13  C   C N3    1 
ATOM   262 C C4    . C   C 1 1 ? -23.077 -13.991 -4.309  1.00 20.37  ? 13  C   C C4    1 
ATOM   263 N N4    . C   C 1 1 ? -22.528 -14.923 -3.533  1.00 22.08  ? 13  C   C N4    1 
ATOM   264 C C5    . C   C 1 1 ? -23.174 -12.642 -3.848  1.00 22.68  ? 13  C   C C5    1 
ATOM   265 C C6    . C   C 1 1 ? -23.736 -11.746 -4.674  1.00 20.10  ? 13  C   C C6    1 
ATOM   266 P P     . G   C 1 2 ? -29.177 -9.917  -5.175  1.00 22.63  ? 14  G   C P     1 
ATOM   267 O OP1   . G   C 1 2 ? -30.333 -9.055  -5.472  1.00 26.04  ? 14  G   C OP1   1 
ATOM   268 O OP2   . G   C 1 2 ? -28.651 -10.009 -3.787  1.00 20.37  ? 14  G   C OP2   1 
ATOM   269 O "O5'" . G   C 1 2 ? -29.567 -11.410 -5.572  1.00 23.89  ? 14  G   C "O5'" 1 
ATOM   270 C "C5'" . G   C 1 2 ? -30.238 -11.706 -6.794  1.00 19.91  ? 14  G   C "C5'" 1 
ATOM   271 C "C4'" . G   C 1 2 ? -30.293 -13.198 -6.984  1.00 22.33  ? 14  G   C "C4'" 1 
ATOM   272 O "O4'" . G   C 1 2 ? -28.948 -13.737 -7.003  1.00 22.58  ? 14  G   C "O4'" 1 
ATOM   273 C "C3'" . G   C 1 2 ? -30.942 -13.977 -5.850  1.00 22.75  ? 14  G   C "C3'" 1 
ATOM   274 O "O3'" . G   C 1 2 ? -32.345 -13.944 -5.955  1.00 24.04  ? 14  G   C "O3'" 1 
ATOM   275 C "C2'" . G   C 1 2 ? -30.390 -15.375 -6.067  1.00 20.75  ? 14  G   C "C2'" 1 
ATOM   276 O "O2'" . G   C 1 2 ? -31.032 -16.064 -7.128  1.00 18.94  ? 14  G   C "O2'" 1 
ATOM   277 C "C1'" . G   C 1 2 ? -28.952 -15.052 -6.466  1.00 20.26  ? 14  G   C "C1'" 1 
ATOM   278 N N9    . G   C 1 2 ? -28.015 -15.096 -5.354  1.00 17.49  ? 14  G   C N9    1 
ATOM   279 C C8    . G   C 1 2 ? -27.516 -14.030 -4.656  1.00 14.15  ? 14  G   C C8    1 
ATOM   280 N N7    . G   C 1 2 ? -26.683 -14.380 -3.718  1.00 17.67  ? 14  G   C N7    1 
ATOM   281 C C5    . G   C 1 2 ? -26.615 -15.772 -3.806  1.00 17.23  ? 14  G   C C5    1 
ATOM   282 C C6    . G   C 1 2 ? -25.854 -16.733 -3.044  1.00 14.11  ? 14  G   C C6    1 
ATOM   283 O O6    . G   C 1 2 ? -25.041 -16.537 -2.133  1.00 12.48  ? 14  G   C O6    1 
ATOM   284 N N1    . G   C 1 2 ? -26.123 -18.036 -3.449  1.00 13.75  ? 14  G   C N1    1 
ATOM   285 C C2    . G   C 1 2 ? -26.987 -18.383 -4.454  1.00 17.23  ? 14  G   C C2    1 
ATOM   286 N N2    . G   C 1 2 ? -27.123 -19.705 -4.672  1.00 17.87  ? 14  G   C N2    1 
ATOM   287 N N3    . G   C 1 2 ? -27.672 -17.509 -5.189  1.00 17.89  ? 14  G   C N3    1 
ATOM   288 C C4    . G   C 1 2 ? -27.445 -16.226 -4.805  1.00 18.35  ? 14  G   C C4    1 
ATOM   289 P P     . U   C 1 3 ? -33.235 -13.793 -4.628  1.00 21.81  ? 15  U   C P     1 
ATOM   290 O OP1   . U   C 1 3 ? -34.565 -13.327 -5.095  1.00 23.82  ? 15  U   C OP1   1 
ATOM   291 O OP2   . U   C 1 3 ? -32.502 -12.988 -3.620  1.00 23.17  ? 15  U   C OP2   1 
ATOM   292 O "O5'" . U   C 1 3 ? -33.316 -15.293 -4.083  1.00 21.38  ? 15  U   C "O5'" 1 
ATOM   293 C "C5'" . U   C 1 3 ? -33.987 -16.324 -4.833  1.00 19.72  ? 15  U   C "C5'" 1 
ATOM   294 C "C4'" . U   C 1 3 ? -33.674 -17.667 -4.234  1.00 18.42  ? 15  U   C "C4'" 1 
ATOM   295 O "O4'" . U   C 1 3 ? -32.253 -17.939 -4.377  1.00 17.85  ? 15  U   C "O4'" 1 
ATOM   296 C "C3'" . U   C 1 3 ? -33.884 -17.729 -2.733  1.00 20.27  ? 15  U   C "C3'" 1 
ATOM   297 O "O3'" . U   C 1 3 ? -35.240 -17.952 -2.387  1.00 21.62  ? 15  U   C "O3'" 1 
ATOM   298 C "C2'" . U   C 1 3 ? -32.985 -18.888 -2.323  1.00 16.69  ? 15  U   C "C2'" 1 
ATOM   299 O "O2'" . U   C 1 3 ? -33.565 -20.166 -2.496  1.00 16.45  ? 15  U   C "O2'" 1 
ATOM   300 C "C1'" . U   C 1 3 ? -31.795 -18.691 -3.264  1.00 17.26  ? 15  U   C "C1'" 1 
ATOM   301 N N1    . U   C 1 3 ? -30.752 -17.918 -2.589  1.00 20.85  ? 15  U   C N1    1 
ATOM   302 C C2    . U   C 1 3 ? -29.810 -18.619 -1.865  1.00 19.88  ? 15  U   C C2    1 
ATOM   303 O O2    . U   C 1 3 ? -29.807 -19.836 -1.786  1.00 20.66  ? 15  U   C O2    1 
ATOM   304 N N3    . U   C 1 3 ? -28.878 -17.844 -1.234  1.00 21.09  ? 15  U   C N3    1 
ATOM   305 C C4    . U   C 1 3 ? -28.799 -16.464 -1.239  1.00 18.09  ? 15  U   C C4    1 
ATOM   306 O O4    . U   C 1 3 ? -27.983 -15.920 -0.503  1.00 21.41  ? 15  U   C O4    1 
ATOM   307 C C5    . U   C 1 3 ? -29.800 -15.804 -2.030  1.00 17.63  ? 15  U   C C5    1 
ATOM   308 C C6    . U   C 1 3 ? -30.719 -16.537 -2.664  1.00 18.06  ? 15  U   C C6    1 
ATOM   309 P P     . A   C 1 4 ? -35.760 -17.500 -0.940  1.00 21.87  ? 16  A   C P     1 
ATOM   310 O OP1   . A   C 1 4 ? -37.235 -17.601 -0.901  1.00 28.94  ? 16  A   C OP1   1 
ATOM   311 O OP2   . A   C 1 4 ? -35.115 -16.212 -0.623  1.00 26.93  ? 16  A   C OP2   1 
ATOM   312 O "O5'" . A   C 1 4 ? -35.147 -18.589 0.037   1.00 24.08  ? 16  A   C "O5'" 1 
ATOM   313 C "C5'" . A   C 1 4 ? -35.620 -19.937 0.030   1.00 23.13  ? 16  A   C "C5'" 1 
ATOM   314 C "C4'" . A   C 1 4 ? -34.801 -20.769 0.985   1.00 25.34  ? 16  A   C "C4'" 1 
ATOM   315 O "O4'" . A   C 1 4 ? -33.411 -20.756 0.565   1.00 23.76  ? 16  A   C "O4'" 1 
ATOM   316 C "C3'" . A   C 1 4 ? -34.725 -20.228 2.400   1.00 26.47  ? 16  A   C "C3'" 1 
ATOM   317 O "O3'" . A   C 1 4 ? -35.894 -20.548 3.135   1.00 28.57  ? 16  A   C "O3'" 1 
ATOM   318 C "C2'" . A   C 1 4 ? -33.479 -20.925 2.927   1.00 24.35  ? 16  A   C "C2'" 1 
ATOM   319 O "O2'" . A   C 1 4 ? -33.719 -22.286 3.245   1.00 25.24  ? 16  A   C "O2'" 1 
ATOM   320 C "C1'" . A   C 1 4 ? -32.564 -20.838 1.702   1.00 24.07  ? 16  A   C "C1'" 1 
ATOM   321 N N9    . A   C 1 4 ? -31.723 -19.647 1.720   1.00 20.41  ? 16  A   C N9    1 
ATOM   322 C C8    . A   C 1 4 ? -31.983 -18.447 1.118   1.00 17.07  ? 16  A   C C8    1 
ATOM   323 N N7    . A   C 1 4 ? -31.068 -17.541 1.333   1.00 15.05  ? 16  A   C N7    1 
ATOM   324 C C5    . A   C 1 4 ? -30.131 -18.192 2.128   1.00 16.42  ? 16  A   C C5    1 
ATOM   325 C C6    . A   C 1 4 ? -28.907 -17.765 2.714   1.00 15.42  ? 16  A   C C6    1 
ATOM   326 N N6    . A   C 1 4 ? -28.411 -16.542 2.577   1.00 13.98  ? 16  A   C N6    1 
ATOM   327 N N1    . A   C 1 4 ? -28.215 -18.663 3.452   1.00 16.05  ? 16  A   C N1    1 
ATOM   328 C C2    . A   C 1 4 ? -28.721 -19.896 3.590   1.00 18.34  ? 16  A   C C2    1 
ATOM   329 N N3    . A   C 1 4 ? -29.855 -20.411 3.094   1.00 18.89  ? 16  A   C N3    1 
ATOM   330 C C4    . A   C 1 4 ? -30.519 -19.493 2.364   1.00 17.35  ? 16  A   C C4    1 
ATOM   331 P P     . C   C 1 5 ? -36.465 -19.502 4.216   1.00 29.02  ? 17  C   C P     1 
ATOM   332 O OP1   . C   C 1 5 ? -37.730 -20.096 4.716   1.00 31.99  ? 17  C   C OP1   1 
ATOM   333 O OP2   . C   C 1 5 ? -36.467 -18.133 3.633   1.00 28.76  ? 17  C   C OP2   1 
ATOM   334 O "O5'" . C   C 1 5 ? -35.406 -19.586 5.400   1.00 27.82  ? 17  C   C "O5'" 1 
ATOM   335 C "C5'" . C   C 1 5 ? -35.285 -20.804 6.134   1.00 27.18  ? 17  C   C "C5'" 1 
ATOM   336 C "C4'" . C   C 1 5 ? -34.076 -20.766 7.004   1.00 30.27  ? 17  C   C "C4'" 1 
ATOM   337 O "O4'" . C   C 1 5 ? -32.887 -20.592 6.187   1.00 28.34  ? 17  C   C "O4'" 1 
ATOM   338 C "C3'" . C   C 1 5 ? -34.012 -19.592 7.960   1.00 32.67  ? 17  C   C "C3'" 1 
ATOM   339 O "O3'" . C   C 1 5 ? -34.842 -19.827 9.092   1.00 38.41  ? 17  C   C "O3'" 1 
ATOM   340 C "C2'" . C   C 1 5 ? -32.525 -19.580 8.299   1.00 31.22  ? 17  C   C "C2'" 1 
ATOM   341 O "O2'" . C   C 1 5 ? -32.147 -20.624 9.173   1.00 32.39  ? 17  C   C "O2'" 1 
ATOM   342 C "C1'" . C   C 1 5 ? -31.916 -19.865 6.927   1.00 28.15  ? 17  C   C "C1'" 1 
ATOM   343 N N1    . C   C 1 5 ? -31.636 -18.612 6.224   1.00 25.46  ? 17  C   C N1    1 
ATOM   344 C C2    . C   C 1 5 ? -30.389 -18.016 6.409   1.00 21.72  ? 17  C   C C2    1 
ATOM   345 O O2    . C   C 1 5 ? -29.577 -18.560 7.170   1.00 21.67  ? 17  C   C O2    1 
ATOM   346 N N3    . C   C 1 5 ? -30.103 -16.872 5.755   1.00 18.98  ? 17  C   C N3    1 
ATOM   347 C C4    . C   C 1 5 ? -31.014 -16.325 4.941   1.00 19.36  ? 17  C   C C4    1 
ATOM   348 N N4    . C   C 1 5 ? -30.686 -15.209 4.291   1.00 21.52  ? 17  C   C N4    1 
ATOM   349 C C5    . C   C 1 5 ? -32.301 -16.902 4.752   1.00 20.42  ? 17  C   C C5    1 
ATOM   350 C C6    . C   C 1 5 ? -32.569 -18.036 5.408   1.00 23.43  ? 17  C   C C6    1 
ATOM   351 P P     . DG  C 1 6 ? -35.309 -18.592 10.006  1.00 39.61  ? 18  DG  C P     1 
ATOM   352 O OP1   . DG  C 1 6 ? -36.149 -19.141 11.095  1.00 41.48  ? 18  DG  C OP1   1 
ATOM   353 O OP2   . DG  C 1 6 ? -35.851 -17.552 9.099   1.00 43.50  ? 18  DG  C OP2   1 
ATOM   354 O "O5'" . DG  C 1 6 ? -33.960 -18.030 10.645  1.00 42.02  ? 18  DG  C "O5'" 1 
ATOM   355 C "C5'" . DG  C 1 6 ? -33.109 -18.899 11.421  1.00 43.66  ? 18  DG  C "C5'" 1 
ATOM   356 C "C4'" . DG  C 1 6 ? -31.921 -18.144 11.965  1.00 43.94  ? 18  DG  C "C4'" 1 
ATOM   357 O "O4'" . DG  C 1 6 ? -31.095 -17.703 10.865  1.00 42.67  ? 18  DG  C "O4'" 1 
ATOM   358 C "C3'" . DG  C 1 6 ? -32.280 -16.900 12.776  1.00 47.18  ? 18  DG  C "C3'" 1 
ATOM   359 O "O3'" . DG  C 1 6 ? -32.123 -17.049 14.193  1.00 53.35  ? 18  DG  C "O3'" 1 
ATOM   360 C "C2'" . DG  C 1 6 ? -31.560 -15.747 12.096  1.00 44.14  ? 18  DG  C "C2'" 1 
ATOM   361 C "C1'" . DG  C 1 6 ? -30.637 -16.375 11.058  1.00 38.68  ? 18  DG  C "C1'" 1 
ATOM   362 N N9    . DG  C 1 6 ? -30.824 -15.671 9.801   1.00 33.92  ? 18  DG  C N9    1 
ATOM   363 C C8    . DG  C 1 6 ? -31.908 -15.792 8.964   1.00 33.22  ? 18  DG  C C8    1 
ATOM   364 N N7    . DG  C 1 6 ? -31.871 -14.966 7.960   1.00 33.75  ? 18  DG  C N7    1 
ATOM   365 C C5    . DG  C 1 6 ? -30.676 -14.278 8.124   1.00 31.34  ? 18  DG  C C5    1 
ATOM   366 C C6    . DG  C 1 6 ? -30.097 -13.258 7.335   1.00 31.99  ? 18  DG  C C6    1 
ATOM   367 O O6    . DG  C 1 6 ? -30.543 -12.736 6.299   1.00 34.86  ? 18  DG  C O6    1 
ATOM   368 N N1    . DG  C 1 6 ? -28.870 -12.845 7.851   1.00 28.39  ? 18  DG  C N1    1 
ATOM   369 C C2    . DG  C 1 6 ? -28.278 -13.359 8.976   1.00 29.40  ? 18  DG  C C2    1 
ATOM   370 N N2    . DG  C 1 6 ? -27.078 -12.842 9.295   1.00 30.10  ? 18  DG  C N2    1 
ATOM   371 N N3    . DG  C 1 6 ? -28.816 -14.309 9.728   1.00 28.93  ? 18  DG  C N3    1 
ATOM   372 C C4    . DG  C 1 6 ? -30.009 -14.720 9.245   1.00 31.78  ? 18  DG  C C4    1 
ATOM   373 O "O5'" . C   D 1 1 ? -22.630 -6.578  3.818   1.00 45.43  ? 19  C   D "O5'" 1 
ATOM   374 C "C5'" . C   D 1 1 ? -22.443 -7.921  4.274   1.00 38.95  ? 19  C   D "C5'" 1 
ATOM   375 C "C4'" . C   D 1 1 ? -22.428 -8.134  5.772   1.00 33.80  ? 19  C   D "C4'" 1 
ATOM   376 O "O4'" . C   D 1 1 ? -23.742 -7.843  6.303   1.00 31.83  ? 19  C   D "O4'" 1 
ATOM   377 C "C3'" . C   D 1 1 ? -22.170 -9.579  6.165   1.00 33.94  ? 19  C   D "C3'" 1 
ATOM   378 O "O3'" . C   D 1 1 ? -20.788 -9.854  6.266   1.00 31.84  ? 19  C   D "O3'" 1 
ATOM   379 C "C2'" . C   D 1 1 ? -22.895 -9.710  7.493   1.00 35.12  ? 19  C   D "C2'" 1 
ATOM   380 O "O2'" . C   D 1 1 ? -22.153 -9.232  8.596   1.00 37.26  ? 19  C   D "O2'" 1 
ATOM   381 C "C1'" . C   D 1 1 ? -24.121 -8.841  7.231   1.00 33.27  ? 19  C   D "C1'" 1 
ATOM   382 N N1    . C   D 1 1 ? -25.219 -9.588  6.621   1.00 31.44  ? 19  C   D N1    1 
ATOM   383 C C2    . C   D 1 1 ? -25.992 -10.424 7.411   1.00 32.01  ? 19  C   D C2    1 
ATOM   384 O O2    . C   D 1 1 ? -25.676 -10.593 8.595   1.00 33.09  ? 19  C   D O2    1 
ATOM   385 N N3    . C   D 1 1 ? -27.067 -11.036 6.865   1.00 33.83  ? 19  C   D N3    1 
ATOM   386 C C4    . C   D 1 1 ? -27.357 -10.852 5.573   1.00 33.99  ? 19  C   D C4    1 
ATOM   387 N N4    . C   D 1 1 ? -28.445 -11.444 5.082   1.00 35.87  ? 19  C   D N4    1 
ATOM   388 C C5    . C   D 1 1 ? -26.547 -10.044 4.731   1.00 33.29  ? 19  C   D C5    1 
ATOM   389 C C6    . C   D 1 1 ? -25.496 -9.436  5.291   1.00 33.57  ? 19  C   D C6    1 
ATOM   390 P P     . G   D 1 2 ? -20.220 -11.251 5.718   1.00 31.44  ? 20  G   D P     1 
ATOM   391 O OP1   . G   D 1 2 ? -18.743 -11.301 5.902   1.00 34.28  ? 20  G   D OP1   1 
ATOM   392 O OP2   . G   D 1 2 ? -20.794 -11.496 4.372   1.00 31.61  ? 20  G   D OP2   1 
ATOM   393 O "O5'" . G   D 1 2 ? -20.848 -12.309 6.721   1.00 29.55  ? 20  G   D "O5'" 1 
ATOM   394 C "C5'" . G   D 1 2 ? -20.296 -12.504 8.016   1.00 26.09  ? 20  G   D "C5'" 1 
ATOM   395 C "C4'" . G   D 1 2 ? -21.064 -13.579 8.713   1.00 23.69  ? 20  G   D "C4'" 1 
ATOM   396 O "O4'" . G   D 1 2 ? -22.449 -13.164 8.783   1.00 25.55  ? 20  G   D "O4'" 1 
ATOM   397 C "C3'" . G   D 1 2 ? -21.136 -14.876 7.936   1.00 23.78  ? 20  G   D "C3'" 1 
ATOM   398 O "O3'" . G   D 1 2 ? -19.993 -15.667 8.155   1.00 23.53  ? 20  G   D "O3'" 1 
ATOM   399 C "C2'" . G   D 1 2 ? -22.398 -15.518 8.487   1.00 23.86  ? 20  G   D "C2'" 1 
ATOM   400 O "O2'" . G   D 1 2 ? -22.239 -16.140 9.743   1.00 24.43  ? 20  G   D "O2'" 1 
ATOM   401 C "C1'" . G   D 1 2 ? -23.291 -14.296 8.655   1.00 24.03  ? 20  G   D "C1'" 1 
ATOM   402 N N9    . G   D 1 2 ? -24.182 -14.091 7.521   1.00 21.00  ? 20  G   D N9    1 
ATOM   403 C C8    . G   D 1 2 ? -24.056 -13.178 6.506   1.00 18.70  ? 20  G   D C8    1 
ATOM   404 N N7    . G   D 1 2 ? -25.044 -13.227 5.655   1.00 20.17  ? 20  G   D N7    1 
ATOM   405 C C5    . G   D 1 2 ? -25.865 -14.235 6.142   1.00 19.05  ? 20  G   D C5    1 
ATOM   406 C C6    . G   D 1 2 ? -27.098 -14.746 5.647   1.00 18.66  ? 20  G   D C6    1 
ATOM   407 O O6    . G   D 1 2 ? -27.736 -14.374 4.667   1.00 19.97  ? 20  G   D O6    1 
ATOM   408 N N1    . G   D 1 2 ? -27.581 -15.793 6.436   1.00 17.40  ? 20  G   D N1    1 
ATOM   409 C C2    . G   D 1 2 ? -26.960 -16.272 7.561   1.00 16.41  ? 20  G   D C2    1 
ATOM   410 N N2    . G   D 1 2 ? -27.564 -17.277 8.193   1.00 17.10  ? 20  G   D N2    1 
ATOM   411 N N3    . G   D 1 2 ? -25.822 -15.793 8.037   1.00 19.18  ? 20  G   D N3    1 
ATOM   412 C C4    . G   D 1 2 ? -25.336 -14.786 7.282   1.00 18.64  ? 20  G   D C4    1 
ATOM   413 P P     . U   D 1 3 ? -19.464 -16.619 6.984   1.00 23.19  ? 21  U   D P     1 
ATOM   414 O OP1   . U   D 1 3 ? -18.096 -17.037 7.329   1.00 25.16  ? 21  U   D OP1   1 
ATOM   415 O OP2   . U   D 1 3 ? -19.714 -15.932 5.690   1.00 23.64  ? 21  U   D OP2   1 
ATOM   416 O "O5'" . U   D 1 3 ? -20.431 -17.889 7.073   1.00 24.51  ? 21  U   D "O5'" 1 
ATOM   417 C "C5'" . U   D 1 3 ? -20.342 -18.817 8.173   1.00 19.32  ? 21  U   D "C5'" 1 
ATOM   418 C "C4'" . U   D 1 3 ? -21.407 -19.882 8.047   1.00 19.88  ? 21  U   D "C4'" 1 
ATOM   419 O "O4'" . U   D 1 3 ? -22.730 -19.282 8.177   1.00 19.39  ? 21  U   D "O4'" 1 
ATOM   420 C "C3'" . U   D 1 3 ? -21.481 -20.579 6.703   1.00 21.19  ? 21  U   D "C3'" 1 
ATOM   421 O "O3'" . U   D 1 3 ? -20.512 -21.609 6.566   1.00 22.76  ? 21  U   D "O3'" 1 
ATOM   422 C "C2'" . U   D 1 3 ? -22.881 -21.156 6.757   1.00 21.18  ? 21  U   D "C2'" 1 
ATOM   423 O "O2'" . U   D 1 3 ? -22.891 -22.235 7.663   1.00 22.92  ? 21  U   D "O2'" 1 
ATOM   424 C "C1'" . U   D 1 3 ? -23.652 -19.969 7.335   1.00 19.43  ? 21  U   D "C1'" 1 
ATOM   425 N N1    . U   D 1 3 ? -24.128 -19.029 6.300   1.00 19.20  ? 21  U   D N1    1 
ATOM   426 C C2    . U   D 1 3 ? -25.383 -19.241 5.745   1.00 16.69  ? 21  U   D C2    1 
ATOM   427 O O2    . U   D 1 3 ? -26.098 -20.173 6.058   1.00 20.89  ? 21  U   D O2    1 
ATOM   428 N N3    . U   D 1 3 ? -25.770 -18.325 4.806   1.00 15.05  ? 21  U   D N3    1 
ATOM   429 C C4    . U   D 1 3 ? -25.053 -17.244 4.353   1.00 17.26  ? 21  U   D C4    1 
ATOM   430 O O4    . U   D 1 3 ? -25.563 -16.494 3.510   1.00 16.53  ? 21  U   D O4    1 
ATOM   431 C C5    . U   D 1 3 ? -23.757 -17.086 4.956   1.00 17.61  ? 21  U   D C5    1 
ATOM   432 C C6    . U   D 1 3 ? -23.349 -17.964 5.888   1.00 17.14  ? 21  U   D C6    1 
ATOM   433 P P     . A   D 1 4 ? -19.953 -21.972 5.107   1.00 20.54  ? 22  A   D P     1 
ATOM   434 O OP1   . A   D 1 4 ? -18.914 -22.994 5.291   1.00 23.50  ? 22  A   D OP1   1 
ATOM   435 O OP2   . A   D 1 4 ? -19.639 -20.723 4.399   1.00 22.81  ? 22  A   D OP2   1 
ATOM   436 O "O5'" . A   D 1 4 ? -21.193 -22.638 4.367   1.00 19.84  ? 22  A   D "O5'" 1 
ATOM   437 C "C5'" . A   D 1 4 ? -21.737 -23.870 4.833   1.00 18.32  ? 22  A   D "C5'" 1 
ATOM   438 C "C4'" . A   D 1 4 ? -22.951 -24.210 4.036   1.00 18.87  ? 22  A   D "C4'" 1 
ATOM   439 O "O4'" . A   D 1 4 ? -23.955 -23.189 4.244   1.00 18.23  ? 22  A   D "O4'" 1 
ATOM   440 C "C3'" . A   D 1 4 ? -22.753 -24.163 2.535   1.00 19.68  ? 22  A   D "C3'" 1 
ATOM   441 O "O3'" . A   D 1 4 ? -22.140 -25.327 2.042   1.00 20.26  ? 22  A   D "O3'" 1 
ATOM   442 C "C2'" . A   D 1 4 ? -24.186 -24.071 2.059   1.00 17.76  ? 22  A   D "C2'" 1 
ATOM   443 O "O2'" . A   D 1 4 ? -24.836 -25.313 2.225   1.00 20.51  ? 22  A   D "O2'" 1 
ATOM   444 C "C1'" . A   D 1 4 ? -24.735 -23.065 3.068   1.00 18.88  ? 22  A   D "C1'" 1 
ATOM   445 N N9    . A   D 1 4 ? -24.640 -21.694 2.590   1.00 16.29  ? 22  A   D N9    1 
ATOM   446 C C8    . A   D 1 4 ? -23.669 -20.767 2.830   1.00 11.86  ? 22  A   D C8    1 
ATOM   447 N N7    . A   D 1 4 ? -23.900 -19.609 2.273   1.00 17.09  ? 22  A   D N7    1 
ATOM   448 C C5    . A   D 1 4 ? -25.111 -19.788 1.613   1.00 15.73  ? 22  A   D C5    1 
ATOM   449 C C6    . A   D 1 4 ? -25.911 -18.930 0.840   1.00 15.68  ? 22  A   D C6    1 
ATOM   450 N N6    . A   D 1 4 ? -25.609 -17.644 0.598   1.00 17.04  ? 22  A   D N6    1 
ATOM   451 N N1    . A   D 1 4 ? -27.050 -19.433 0.322   1.00 14.74  ? 22  A   D N1    1 
ATOM   452 C C2    . A   D 1 4 ? -27.364 -20.699 0.578   1.00 13.05  ? 22  A   D C2    1 
ATOM   453 N N3    . A   D 1 4 ? -26.704 -21.597 1.291   1.00 15.91  ? 22  A   D N3    1 
ATOM   454 C C4    . A   D 1 4 ? -25.569 -21.071 1.790   1.00 15.95  ? 22  A   D C4    1 
ATOM   455 P P     . C   D 1 5 ? -21.158 -25.219 0.790   1.00 21.09  ? 23  C   D P     1 
ATOM   456 O OP1   . C   D 1 5 ? -20.475 -26.527 0.712   1.00 21.89  ? 23  C   D OP1   1 
ATOM   457 O OP2   . C   D 1 5 ? -20.367 -23.964 0.933   1.00 18.96  ? 23  C   D OP2   1 
ATOM   458 O "O5'" . C   D 1 5 ? -22.136 -25.063 -0.453  1.00 21.46  ? 23  C   D "O5'" 1 
ATOM   459 C "C5'" . C   D 1 5 ? -23.048 -26.117 -0.799  1.00 21.80  ? 23  C   D "C5'" 1 
ATOM   460 C "C4'" . C   D 1 5 ? -24.072 -25.609 -1.775  1.00 20.48  ? 23  C   D "C4'" 1 
ATOM   461 O "O4'" . C   D 1 5 ? -24.742 -24.486 -1.153  1.00 21.88  ? 23  C   D "O4'" 1 
ATOM   462 C "C3'" . C   D 1 5 ? -23.542 -25.003 -3.066  1.00 19.77  ? 23  C   D "C3'" 1 
ATOM   463 O "O3'" . C   D 1 5 ? -23.282 -25.961 -4.074  1.00 20.09  ? 23  C   D "O3'" 1 
ATOM   464 C "C2'" . C   D 1 5 ? -24.706 -24.130 -3.502  1.00 21.00  ? 23  C   D "C2'" 1 
ATOM   465 O "O2'" . C   D 1 5 ? -25.715 -24.867 -4.166  1.00 22.89  ? 23  C   D "O2'" 1 
ATOM   466 C "C1'" . C   D 1 5 ? -25.194 -23.586 -2.158  1.00 22.61  ? 23  C   D "C1'" 1 
ATOM   467 N N1    . C   D 1 5 ? -24.627 -22.253 -1.888  1.00 21.52  ? 23  C   D N1    1 
ATOM   468 C C2    . C   D 1 5 ? -25.265 -21.128 -2.440  1.00 19.10  ? 23  C   D C2    1 
ATOM   469 O O2    . C   D 1 5 ? -26.328 -21.282 -3.075  1.00 18.61  ? 23  C   D O2    1 
ATOM   470 N N3    . C   D 1 5 ? -24.718 -19.917 -2.260  1.00 20.53  ? 23  C   D N3    1 
ATOM   471 C C4    . C   D 1 5 ? -23.593 -19.785 -1.545  1.00 16.34  ? 23  C   D C4    1 
ATOM   472 N N4    . C   D 1 5 ? -23.104 -18.559 -1.394  1.00 15.36  ? 23  C   D N4    1 
ATOM   473 C C5    . C   D 1 5 ? -22.935 -20.905 -0.955  1.00 14.54  ? 23  C   D C5    1 
ATOM   474 C C6    . C   D 1 5 ? -23.483 -22.108 -1.144  1.00 18.38  ? 23  C   D C6    1 
ATOM   475 P P     . DG  D 1 6 ? -22.235 -25.620 -5.233  1.00 19.70  ? 24  DG  D P     1 
ATOM   476 O OP1   . DG  D 1 6 ? -21.881 -26.908 -5.856  1.00 24.17  ? 24  DG  D OP1   1 
ATOM   477 O OP2   . DG  D 1 6 ? -21.169 -24.729 -4.694  1.00 24.72  ? 24  DG  D OP2   1 
ATOM   478 O "O5'" . DG  D 1 6 ? -23.030 -24.719 -6.264  1.00 19.40  ? 24  DG  D "O5'" 1 
ATOM   479 C "C5'" . DG  D 1 6 ? -24.207 -25.202 -6.900  1.00 20.09  ? 24  DG  D "C5'" 1 
ATOM   480 C "C4'" . DG  D 1 6 ? -24.783 -24.128 -7.791  1.00 22.57  ? 24  DG  D "C4'" 1 
ATOM   481 O "O4'" . DG  D 1 6 ? -25.173 -23.025 -6.945  1.00 21.49  ? 24  DG  D "O4'" 1 
ATOM   482 C "C3'" . DG  D 1 6 ? -23.817 -23.549 -8.828  1.00 21.91  ? 24  DG  D "C3'" 1 
ATOM   483 O "O3'" . DG  D 1 6 ? -23.477 -24.196 -10.060 1.00 26.98  ? 24  DG  D "O3'" 1 
ATOM   484 C "C2'" . DG  D 1 6 ? -24.010 -22.049 -8.777  1.00 22.25  ? 24  DG  D "C2'" 1 
ATOM   485 C "C1'" . DG  D 1 6 ? -24.911 -21.773 -7.577  1.00 21.00  ? 24  DG  D "C1'" 1 
ATOM   486 N N9    . DG  D 1 6 ? -24.203 -20.932 -6.612  1.00 18.20  ? 24  DG  D N9    1 
ATOM   487 C C8    . DG  D 1 6 ? -23.356 -21.359 -5.617  1.00 15.15  ? 24  DG  D C8    1 
ATOM   488 N N7    . DG  D 1 6 ? -22.838 -20.378 -4.933  1.00 17.56  ? 24  DG  D N7    1 
ATOM   489 C C5    . DG  D 1 6 ? -23.381 -19.235 -5.501  1.00 16.65  ? 24  DG  D C5    1 
ATOM   490 C C6    . DG  D 1 6 ? -23.178 -17.872 -5.185  1.00 15.92  ? 24  DG  D C6    1 
ATOM   491 O O6    . DG  D 1 6 ? -22.450 -17.389 -4.329  1.00 17.12  ? 24  DG  D O6    1 
ATOM   492 N N1    . DG  D 1 6 ? -23.928 -17.039 -5.998  1.00 16.91  ? 24  DG  D N1    1 
ATOM   493 C C2    . DG  D 1 6 ? -24.747 -17.459 -7.011  1.00 12.44  ? 24  DG  D C2    1 
ATOM   494 N N2    . DG  D 1 6 ? -25.367 -16.512 -7.686  1.00 15.59  ? 24  DG  D N2    1 
ATOM   495 N N3    . DG  D 1 6 ? -24.935 -18.722 -7.330  1.00 18.08  ? 24  DG  D N3    1 
ATOM   496 C C4    . DG  D 1 6 ? -24.229 -19.556 -6.532  1.00 16.25  ? 24  DG  D C4    1 
HETATM 497 O O     . HOH E 2 . ? 30.874  21.024  1.512   1.00 20.42  ? 28  HOH A O     1 
HETATM 498 O O     . HOH E 2 . ? 29.656  17.582  -5.567  1.00 25.00  ? 29  HOH A O     1 
HETATM 499 O O     . HOH E 2 . ? 33.439  12.306  -5.393  1.00 29.51  ? 34  HOH A O     1 
HETATM 500 O O     . HOH E 2 . ? 30.897  19.688  -6.876  1.00 32.39  ? 37  HOH A O     1 
HETATM 501 O O     . HOH E 2 . ? 23.838  17.579  -4.354  1.00 34.07  ? 38  HOH A O     1 
HETATM 502 O O     . HOH E 2 . ? 24.022  18.537  -6.751  1.00 32.03  ? 48  HOH A O     1 
HETATM 503 O O     . HOH E 2 . ? 29.725  27.349  -8.575  1.00 31.48  ? 57  HOH A O     1 
HETATM 504 O O     . HOH E 2 . ? 27.038  17.594  -5.665  1.00 46.62  ? 66  HOH A O     1 
HETATM 505 O O     . HOH E 2 . ? 34.200  14.925  4.239   1.00 61.06  ? 74  HOH A O     1 
HETATM 506 O O     . HOH E 2 . ? 22.543  25.285  -11.768 1.00 60.64  ? 77  HOH A O     1 
HETATM 507 O O     . HOH E 2 . ? 35.119  13.931  -5.037  1.00 36.07  ? 85  HOH A O     1 
HETATM 508 O O     . HOH E 2 . ? 32.212  26.547  -8.226  1.00 65.06  ? 87  HOH A O     1 
HETATM 509 O O     . HOH E 2 . ? 33.394  18.068  -5.722  1.00 66.71  ? 88  HOH A O     1 
HETATM 510 O O     . HOH E 2 . ? 31.150  13.468  -7.275  1.00 51.83  ? 92  HOH A O     1 
HETATM 511 O O     . HOH E 2 . ? 32.379  19.514  -11.843 1.00 51.44  ? 95  HOH A O     1 
HETATM 512 O O     . HOH E 2 . ? 31.903  16.890  2.880   1.00 52.93  ? 98  HOH A O     1 
HETATM 513 O O     . HOH E 2 . ? 24.996  17.675  -10.420 1.00 50.22  ? 103 HOH A O     1 
HETATM 514 O O     . HOH E 2 . ? 27.625  18.183  -11.935 1.00 53.83  ? 104 HOH A O     1 
HETATM 515 O O     . HOH E 2 . ? 32.058  18.347  -9.493  1.00 60.83  ? 109 HOH A O     1 
HETATM 516 O O     . HOH F 2 . ? 29.366  18.666  4.871   1.00 15.76  ? 25  HOH B O     1 
HETATM 517 O O     . HOH F 2 . ? 20.875  14.110  1.858   1.00 20.97  ? 30  HOH B O     1 
HETATM 518 O O     . HOH F 2 . ? 22.187  16.014  0.473   1.00 23.28  ? 31  HOH B O     1 
HETATM 519 O O     . HOH F 2 . ? 21.282  17.343  4.199   1.00 44.86  ? 36  HOH B O     1 
HETATM 520 O O     . HOH F 2 . ? 27.066  25.221  3.071   1.00 36.53  ? 40  HOH B O     1 
HETATM 521 O O     . HOH F 2 . ? 20.878  12.952  -1.849  1.00 56.52  ? 50  HOH B O     1 
HETATM 522 O O     . HOH F 2 . ? 25.539  14.847  -5.398  1.00 40.89  ? 51  HOH B O     1 
HETATM 523 O O     . HOH F 2 . ? 20.103  21.198  2.363   1.00 35.07  ? 53  HOH B O     1 
HETATM 524 O O     . HOH F 2 . ? 18.857  6.212   -6.057  1.00 69.76  ? 58  HOH B O     1 
HETATM 525 O O     . HOH F 2 . ? 23.138  13.344  -5.099  1.00 34.21  ? 60  HOH B O     1 
HETATM 526 O O     . HOH F 2 . ? 23.101  26.720  -5.385  1.00 72.20  ? 61  HOH B O     1 
HETATM 527 O O     . HOH F 2 . ? 21.295  20.726  5.306   1.00 39.02  ? 62  HOH B O     1 
HETATM 528 O O     . HOH F 2 . ? 18.191  24.186  7.390   1.00 120.43 ? 63  HOH B O     1 
HETATM 529 O O     . HOH F 2 . ? 17.639  13.439  6.690   1.00 39.75  ? 64  HOH B O     1 
HETATM 530 O O     . HOH F 2 . ? 24.525  6.157   -5.445  1.00 62.69  ? 65  HOH B O     1 
HETATM 531 O O     . HOH F 2 . ? 19.088  4.767   -3.036  1.00 51.33  ? 67  HOH B O     1 
HETATM 532 O O     . HOH F 2 . ? 26.449  8.205   1.383   1.00 47.03  ? 70  HOH B O     1 
HETATM 533 O O     . HOH F 2 . ? 27.893  12.760  6.185   1.00 41.48  ? 84  HOH B O     1 
HETATM 534 O O     . HOH F 2 . ? 16.523  11.067  2.263   1.00 42.35  ? 89  HOH B O     1 
HETATM 535 O O     . HOH F 2 . ? 28.583  23.375  1.552   1.00 49.41  ? 90  HOH B O     1 
HETATM 536 O O     . HOH F 2 . ? 27.744  17.046  9.785   1.00 62.43  ? 91  HOH B O     1 
HETATM 537 O O     . HOH F 2 . ? 17.290  11.940  -1.053  1.00 37.81  ? 93  HOH B O     1 
HETATM 538 O O     . HOH F 2 . ? 21.887  6.040   2.374   1.00 36.91  ? 96  HOH B O     1 
HETATM 539 O O     . HOH F 2 . ? 23.456  7.597   3.552   1.00 46.65  ? 97  HOH B O     1 
HETATM 540 O O     . HOH F 2 . ? 23.769  28.429  8.715   1.00 52.43  ? 101 HOH B O     1 
HETATM 541 O O     . HOH F 2 . ? 21.920  28.953  -3.995  1.00 58.09  ? 107 HOH B O     1 
HETATM 542 O O     . HOH F 2 . ? 18.563  12.590  4.079   1.00 59.92  ? 108 HOH B O     1 
HETATM 543 O O     . HOH G 2 . ? -32.645 -14.395 -0.791  1.00 30.72  ? 41  HOH C O     1 
HETATM 544 O O     . HOH G 2 . ? -29.765 -12.376 -2.339  1.00 37.26  ? 43  HOH C O     1 
HETATM 545 O O     . HOH G 2 . ? -34.653 -16.205 2.778   1.00 36.17  ? 44  HOH C O     1 
HETATM 546 O O     . HOH G 2 . ? -29.784 -18.112 -7.087  1.00 27.86  ? 45  HOH C O     1 
HETATM 547 O O     . HOH G 2 . ? -32.632 -22.680 -1.891  1.00 30.69  ? 49  HOH C O     1 
HETATM 548 O O     . HOH G 2 . ? -31.315 -15.260 1.260   1.00 49.00  ? 52  HOH C O     1 
HETATM 549 O O     . HOH G 2 . ? -25.839 -13.064 1.776   1.00 53.81  ? 54  HOH C O     1 
HETATM 550 O O     . HOH G 2 . ? -24.879 -14.598 -0.301  1.00 74.38  ? 55  HOH C O     1 
HETATM 551 O O     . HOH G 2 . ? -36.805 -23.710 3.744   1.00 41.63  ? 68  HOH C O     1 
HETATM 552 O O     . HOH G 2 . ? -35.311 -15.987 6.472   1.00 40.28  ? 69  HOH C O     1 
HETATM 553 O O     . HOH G 2 . ? -29.680 -20.350 10.428  1.00 33.26  ? 72  HOH C O     1 
HETATM 554 O O     . HOH G 2 . ? -33.840 -14.234 6.810   1.00 40.57  ? 73  HOH C O     1 
HETATM 555 O O     . HOH G 2 . ? -30.463 -22.637 -0.267  1.00 45.76  ? 75  HOH C O     1 
HETATM 556 O O     . HOH G 2 . ? -29.341 -12.866 0.977   1.00 72.41  ? 76  HOH C O     1 
HETATM 557 O O     . HOH G 2 . ? -25.782 -11.253 11.869  1.00 67.01  ? 79  HOH C O     1 
HETATM 558 O O     . HOH G 2 . ? -26.120 -12.205 -1.814  1.00 44.63  ? 80  HOH C O     1 
HETATM 559 O O     . HOH G 2 . ? -35.798 -13.546 9.371   1.00 66.31  ? 82  HOH C O     1 
HETATM 560 O O     . HOH G 2 . ? -32.111 -8.214  -8.209  1.00 41.78  ? 83  HOH C O     1 
HETATM 561 O O     . HOH G 2 . ? -29.697 -23.209 3.555   1.00 68.53  ? 86  HOH C O     1 
HETATM 562 O O     . HOH G 2 . ? -36.723 -13.331 -2.720  1.00 55.10  ? 94  HOH C O     1 
HETATM 563 O O     . HOH G 2 . ? -28.561 -21.150 7.167   1.00 44.64  ? 99  HOH C O     1 
HETATM 564 O O     . HOH G 2 . ? -33.909 -9.296  -9.789  1.00 57.72  ? 102 HOH C O     1 
HETATM 565 O O     . HOH G 2 . ? -32.942 -23.415 9.197   1.00 45.68  ? 105 HOH C O     1 
HETATM 566 O O     . HOH G 2 . ? -32.023 -15.064 -9.659  1.00 60.10  ? 106 HOH C O     1 
HETATM 567 O O     . HOH H 2 . ? -27.373 -24.453 1.138   1.00 26.62  ? 26  HOH D O     1 
HETATM 568 O O     . HOH H 2 . ? -20.016 -21.505 1.374   1.00 19.85  ? 27  HOH D O     1 
HETATM 569 O O     . HOH H 2 . ? -24.794 -16.934 10.530  1.00 35.92  ? 32  HOH D O     1 
HETATM 570 O O     . HOH H 2 . ? -28.789 -22.212 -2.954  1.00 21.00  ? 33  HOH D O     1 
HETATM 571 O O     . HOH H 2 . ? -21.812 -17.853 1.779   1.00 30.90  ? 35  HOH D O     1 
HETATM 572 O O     . HOH H 2 . ? -18.860 -22.537 -1.761  1.00 75.07  ? 39  HOH D O     1 
HETATM 573 O O     . HOH H 2 . ? -19.874 -18.119 3.816   1.00 25.81  ? 42  HOH D O     1 
HETATM 574 O O     . HOH H 2 . ? -28.264 -23.733 -5.321  1.00 25.47  ? 46  HOH D O     1 
HETATM 575 O O     . HOH H 2 . ? -24.850 -27.574 4.001   1.00 42.63  ? 47  HOH D O     1 
HETATM 576 O O     . HOH H 2 . ? -19.631 -18.105 -2.201  1.00 45.54  ? 56  HOH D O     1 
HETATM 577 O O     . HOH H 2 . ? -24.872 -24.083 7.709   1.00 31.53  ? 59  HOH D O     1 
HETATM 578 O O     . HOH H 2 . ? -23.463 -10.849 10.608  1.00 43.79  ? 71  HOH D O     1 
HETATM 579 O O     . HOH H 2 . ? -23.711 -14.872 1.728   1.00 39.69  ? 78  HOH D O     1 
HETATM 580 O O     . HOH H 2 . ? -16.526 -16.224 9.933   1.00 44.11  ? 81  HOH D O     1 
HETATM 581 O O     . HOH H 2 . ? -17.847 -24.730 3.267   1.00 56.35  ? 100 HOH D O     1 
# 
